data_3E77
#
_entry.id   3E77
#
_cell.length_a   171.000
_cell.length_b   171.000
_cell.length_c   103.880
_cell.angle_alpha   90.00
_cell.angle_beta   90.00
_cell.angle_gamma   120.00
#
_symmetry.space_group_name_H-M   'P 31 2 1'
#
loop_
_entity.id
_entity.type
_entity.pdbx_description
1 polymer 'Phosphoserine aminotransferase'
2 non-polymer "PYRIDOXAL-5'-PHOSPHATE"
3 non-polymer GLYCEROL
4 water water
#
_entity_poly.entity_id   1
_entity_poly.type   'polypeptide(L)'
_entity_poly.pdbx_seq_one_letter_code
;MHHHHHHSSGVDLGTENLYFQSMLPHSVLLEIQKELLDYKGVGISVLEMSHRSSDFAKIINNTENLVRELLAVPDNYKVI
FLQGGGCGQFSAVPLNLIGLKAGRCADYVVTGAWSAKAAEEAKKFGTINIVHPKLGSYTKIPDPSTWNLNPDASYVYYCA
NETVHGVEFDFIPDVKGAVLVCDMSSNFLSKPVDVSKFGVIFAGAQKNVGSAGVTVVIVRDDLLGFALRECPSVLEYKVQ
AGNSSLYNTPPCFSIYVMGLVLEWIKNNGGAAAMEKLSSIKSQTIYEIIDNSQGFYVCPVEPQNRSKMNIPFRIGNAKGD
DALEKRFLDKALELNMLSLKGHRSVGGIRASLYNAVTIEDVQKLAAFMKKFLEMHQL
;
_entity_poly.pdbx_strand_id   A,B,C
#
loop_
_chem_comp.id
_chem_comp.type
_chem_comp.name
_chem_comp.formula
GOL non-polymer GLYCEROL 'C3 H8 O3'
PLP non-polymer PYRIDOXAL-5'-PHOSPHATE 'C8 H10 N O6 P'
#
# COMPACT_ATOMS: atom_id res chain seq x y z
N THR A 15 10.48 10.28 -15.99
CA THR A 15 9.00 10.48 -15.95
C THR A 15 8.24 9.33 -15.22
N GLU A 16 8.16 9.40 -13.88
CA GLU A 16 7.29 8.51 -13.08
C GLU A 16 5.93 9.15 -12.75
N ASN A 17 4.92 8.33 -12.48
CA ASN A 17 3.56 8.81 -12.28
C ASN A 17 3.24 9.10 -10.83
N LEU A 18 2.39 10.11 -10.65
CA LEU A 18 1.87 10.50 -9.36
C LEU A 18 0.40 10.17 -9.38
N TYR A 19 -0.05 9.35 -8.43
CA TYR A 19 -1.39 8.81 -8.48
C TYR A 19 -2.19 9.24 -7.27
N PHE A 20 -3.21 10.06 -7.47
CA PHE A 20 -4.10 10.46 -6.37
C PHE A 20 -5.28 9.53 -6.29
N GLN A 21 -4.98 8.33 -5.76
CA GLN A 21 -5.88 7.20 -5.58
C GLN A 21 -5.25 6.33 -4.49
N SER A 22 -5.86 5.20 -4.16
CA SER A 22 -5.29 4.30 -3.15
C SER A 22 -4.11 3.52 -3.70
N MET A 23 -3.12 3.33 -2.85
CA MET A 23 -1.80 2.89 -3.26
C MET A 23 -1.13 2.21 -2.08
N LEU A 24 -0.16 1.34 -2.32
CA LEU A 24 0.63 0.78 -1.24
C LEU A 24 1.87 1.64 -1.00
N PRO A 25 2.26 1.79 0.28
CA PRO A 25 3.57 2.41 0.53
C PRO A 25 4.64 1.62 -0.23
N HIS A 26 5.64 2.34 -0.74
CA HIS A 26 6.67 1.71 -1.54
C HIS A 26 7.49 0.63 -0.81
N SER A 27 7.83 0.89 0.44
CA SER A 27 8.60 -0.06 1.23
C SER A 27 7.82 -1.35 1.44
N VAL A 28 6.49 -1.25 1.52
CA VAL A 28 5.62 -2.42 1.63
C VAL A 28 5.63 -3.30 0.37
N LEU A 29 5.64 -2.70 -0.82
CA LEU A 29 5.82 -3.46 -2.08
C LEU A 29 7.19 -4.12 -2.17
N LEU A 30 8.24 -3.40 -1.76
CA LEU A 30 9.59 -3.97 -1.76
C LEU A 30 9.62 -5.27 -0.95
N GLU A 31 8.96 -5.20 0.21
CA GLU A 31 8.93 -6.30 1.13
C GLU A 31 8.13 -7.46 0.52
N ILE A 32 6.93 -7.21 0.01
CA ILE A 32 6.17 -8.27 -0.69
C ILE A 32 7.05 -8.92 -1.77
N GLN A 33 7.65 -8.08 -2.60
CA GLN A 33 8.46 -8.53 -3.72
C GLN A 33 9.67 -9.38 -3.35
N LYS A 34 10.39 -8.99 -2.29
CA LYS A 34 11.55 -9.73 -1.80
C LYS A 34 11.19 -11.15 -1.35
N GLU A 35 10.02 -11.27 -0.74
CA GLU A 35 9.59 -12.43 -0.01
C GLU A 35 8.72 -13.31 -0.89
N LEU A 36 8.51 -12.92 -2.13
CA LEU A 36 7.49 -13.55 -2.96
C LEU A 36 7.68 -15.03 -3.34
N LEU A 37 8.91 -15.46 -3.60
CA LEU A 37 9.14 -16.85 -4.03
C LEU A 37 9.30 -17.81 -2.86
N ASP A 38 9.77 -17.28 -1.73
CA ASP A 38 10.17 -18.08 -0.59
C ASP A 38 10.04 -17.23 0.66
N TYR A 39 8.83 -17.17 1.18
CA TYR A 39 8.48 -16.33 2.31
C TYR A 39 9.29 -16.66 3.56
N LYS A 40 10.06 -15.66 4.00
CA LYS A 40 10.80 -15.72 5.27
C LYS A 40 11.68 -16.97 5.43
N GLY A 41 11.79 -17.78 4.39
CA GLY A 41 12.67 -18.93 4.42
C GLY A 41 11.90 -20.22 4.47
N VAL A 42 10.57 -20.11 4.45
CA VAL A 42 9.74 -21.32 4.54
C VAL A 42 9.79 -22.19 3.29
N GLY A 43 10.31 -21.65 2.19
CA GLY A 43 10.46 -22.41 0.95
C GLY A 43 9.25 -22.32 0.04
N ILE A 44 8.29 -21.49 0.42
CA ILE A 44 7.01 -21.44 -0.26
C ILE A 44 6.56 -19.98 -0.34
N SER A 45 5.66 -19.70 -1.27
CA SER A 45 5.11 -18.37 -1.44
C SER A 45 3.87 -18.21 -0.55
N VAL A 46 3.59 -16.99 -0.06
CA VAL A 46 2.37 -16.76 0.70
C VAL A 46 1.17 -17.07 -0.20
N LEU A 47 1.34 -16.75 -1.48
CA LEU A 47 0.39 -17.10 -2.54
C LEU A 47 0.07 -18.60 -2.60
N GLU A 48 0.99 -19.42 -2.09
CA GLU A 48 0.94 -20.89 -2.16
C GLU A 48 0.57 -21.54 -0.82
N MET A 49 0.81 -20.80 0.25
CA MET A 49 0.59 -21.20 1.65
C MET A 49 -0.82 -21.71 1.97
N SER A 50 -0.91 -22.89 2.57
CA SER A 50 -2.20 -23.35 3.07
C SER A 50 -2.72 -22.43 4.19
N HIS A 51 -4.02 -22.13 4.16
CA HIS A 51 -4.61 -21.38 5.25
C HIS A 51 -4.61 -22.20 6.55
N ARG A 52 -4.50 -23.52 6.47
CA ARG A 52 -4.40 -24.37 7.67
C ARG A 52 -2.98 -24.52 8.22
N SER A 53 -1.99 -23.79 7.70
CA SER A 53 -0.62 -23.94 8.20
C SER A 53 -0.34 -23.00 9.35
N SER A 54 0.43 -23.46 10.32
CA SER A 54 0.95 -22.59 11.39
C SER A 54 1.58 -21.32 10.86
N ASP A 55 2.19 -21.41 9.67
CA ASP A 55 2.73 -20.25 8.96
C ASP A 55 1.65 -19.24 8.60
N PHE A 56 0.55 -19.69 8.01
CA PHE A 56 -0.50 -18.71 7.78
C PHE A 56 -1.17 -18.27 9.07
N ALA A 57 -1.31 -19.18 10.03
CA ALA A 57 -1.91 -18.86 11.34
C ALA A 57 -1.21 -17.66 11.97
N LYS A 58 0.11 -17.71 12.03
CA LYS A 58 0.95 -16.61 12.49
C LYS A 58 0.66 -15.29 11.77
N ILE A 59 0.55 -15.36 10.42
CA ILE A 59 0.24 -14.17 9.62
C ILE A 59 -1.12 -13.60 10.00
N ILE A 60 -2.14 -14.45 10.04
CA ILE A 60 -3.52 -13.94 10.26
C ILE A 60 -3.65 -13.44 11.68
N ASN A 61 -3.09 -14.18 12.64
CA ASN A 61 -2.94 -13.70 14.02
C ASN A 61 -2.29 -12.31 14.16
N ASN A 62 -1.24 -12.06 13.38
CA ASN A 62 -0.55 -10.80 13.50
C ASN A 62 -1.38 -9.67 12.87
N THR A 63 -2.17 -10.00 11.86
CA THR A 63 -3.06 -9.00 11.27
C THR A 63 -4.18 -8.63 12.22
N GLU A 64 -4.76 -9.61 12.92
CA GLU A 64 -5.78 -9.32 13.91
C GLU A 64 -5.15 -8.50 15.02
N ASN A 65 -3.98 -8.93 15.48
CA ASN A 65 -3.30 -8.19 16.54
C ASN A 65 -3.06 -6.72 16.21
N LEU A 66 -2.58 -6.45 14.99
CA LEU A 66 -2.29 -5.08 14.57
C LEU A 66 -3.54 -4.22 14.49
N VAL A 67 -4.64 -4.79 14.01
CA VAL A 67 -5.94 -4.08 13.99
C VAL A 67 -6.35 -3.64 15.40
N ARG A 68 -6.11 -4.53 16.37
CA ARG A 68 -6.52 -4.30 17.76
C ARG A 68 -5.65 -3.28 18.46
N GLU A 69 -4.35 -3.32 18.16
CA GLU A 69 -3.39 -2.42 18.75
C GLU A 69 -3.58 -1.06 18.11
N LEU A 70 -3.61 -1.02 16.78
CA LEU A 70 -3.63 0.26 16.10
C LEU A 70 -4.89 1.05 16.40
N LEU A 71 -6.03 0.38 16.43
CA LEU A 71 -7.28 1.07 16.73
C LEU A 71 -7.65 1.09 18.20
N ALA A 72 -6.93 0.31 19.02
CA ALA A 72 -7.22 0.17 20.44
C ALA A 72 -8.61 -0.45 20.63
N VAL A 73 -8.82 -1.61 20.00
CA VAL A 73 -10.11 -2.31 20.02
C VAL A 73 -10.35 -2.97 21.37
N PRO A 74 -11.40 -2.56 22.10
CA PRO A 74 -11.63 -3.19 23.41
C PRO A 74 -11.82 -4.71 23.29
N ASP A 75 -11.70 -5.40 24.41
CA ASP A 75 -11.75 -6.85 24.42
C ASP A 75 -13.14 -7.45 24.23
N ASN A 76 -14.19 -6.62 24.21
CA ASN A 76 -15.50 -7.13 23.90
C ASN A 76 -15.84 -6.96 22.41
N TYR A 77 -14.81 -6.93 21.56
CA TYR A 77 -15.03 -6.89 20.12
C TYR A 77 -14.30 -7.98 19.37
N LYS A 78 -15.00 -8.60 18.44
CA LYS A 78 -14.43 -9.61 17.57
C LYS A 78 -13.86 -8.87 16.37
N VAL A 79 -12.71 -9.33 15.91
CA VAL A 79 -12.14 -8.77 14.71
C VAL A 79 -12.03 -9.89 13.68
N ILE A 80 -12.78 -9.78 12.59
CA ILE A 80 -12.82 -10.85 11.60
C ILE A 80 -12.52 -10.38 10.18
N PHE A 81 -12.09 -11.31 9.34
CA PHE A 81 -11.65 -10.96 8.00
C PHE A 81 -12.44 -11.71 6.97
N LEU A 82 -13.22 -10.97 6.22
CA LEU A 82 -14.18 -11.53 5.33
C LEU A 82 -13.87 -11.17 3.88
N GLN A 83 -14.40 -11.98 2.98
CA GLN A 83 -14.36 -11.71 1.56
C GLN A 83 -15.60 -10.89 1.21
N GLY A 84 -15.67 -10.39 -0.02
CA GLY A 84 -16.91 -9.76 -0.49
C GLY A 84 -16.88 -8.25 -0.60
N GLY A 85 -15.95 -7.62 0.12
CA GLY A 85 -15.77 -6.19 0.08
C GLY A 85 -16.85 -5.41 0.79
N GLY A 86 -16.75 -4.08 0.66
CA GLY A 86 -17.73 -3.14 1.20
C GLY A 86 -19.16 -3.58 0.89
N CYS A 87 -19.47 -3.73 -0.39
CA CYS A 87 -20.80 -4.12 -0.85
C CYS A 87 -21.31 -5.46 -0.35
N GLY A 88 -20.37 -6.39 -0.14
CA GLY A 88 -20.66 -7.60 0.63
C GLY A 88 -21.28 -7.29 1.99
N GLN A 89 -20.65 -6.37 2.72
CA GLN A 89 -21.14 -5.96 4.04
C GLN A 89 -22.47 -5.22 3.96
N PHE A 90 -22.74 -4.53 2.85
CA PHE A 90 -24.07 -3.96 2.67
C PHE A 90 -25.15 -5.03 2.77
N SER A 91 -24.80 -6.28 2.48
CA SER A 91 -25.71 -7.40 2.64
C SER A 91 -25.49 -8.07 4.00
N ALA A 92 -24.23 -8.14 4.42
CA ALA A 92 -23.87 -8.93 5.54
C ALA A 92 -24.37 -8.27 6.84
N VAL A 93 -24.39 -6.94 6.86
CA VAL A 93 -24.80 -6.19 8.05
C VAL A 93 -26.25 -6.49 8.32
N PRO A 94 -27.15 -6.23 7.35
CA PRO A 94 -28.54 -6.60 7.57
C PRO A 94 -28.71 -8.09 7.87
N LEU A 95 -28.01 -8.98 7.16
CA LEU A 95 -28.22 -10.42 7.35
C LEU A 95 -27.91 -10.88 8.77
N ASN A 96 -26.85 -10.30 9.33
CA ASN A 96 -26.37 -10.60 10.66
C ASN A 96 -27.17 -9.93 11.79
N LEU A 97 -27.86 -8.83 11.47
CA LEU A 97 -28.29 -7.84 12.47
C LEU A 97 -29.73 -7.35 12.35
N ILE A 98 -30.33 -7.44 11.15
CA ILE A 98 -31.70 -6.93 11.02
C ILE A 98 -32.69 -7.66 11.96
N GLY A 99 -32.35 -8.88 12.36
CA GLY A 99 -33.16 -9.66 13.27
C GLY A 99 -32.86 -9.40 14.74
N LEU A 100 -31.97 -8.47 15.05
CA LEU A 100 -31.73 -8.03 16.42
C LEU A 100 -33.06 -7.88 17.16
N LYS A 101 -33.99 -7.14 16.56
CA LYS A 101 -35.37 -6.98 17.08
C LYS A 101 -36.30 -7.58 16.05
N ALA A 102 -37.46 -8.05 16.48
CA ALA A 102 -38.33 -8.88 15.64
C ALA A 102 -38.94 -8.12 14.47
N GLY A 103 -39.11 -6.81 14.64
CA GLY A 103 -39.61 -5.90 13.61
C GLY A 103 -38.86 -5.93 12.29
N ARG A 104 -37.58 -6.32 12.33
CA ARG A 104 -36.73 -6.28 11.15
C ARG A 104 -36.72 -4.89 10.53
N CYS A 105 -36.66 -3.85 11.36
CA CYS A 105 -36.45 -2.50 10.85
C CYS A 105 -35.04 -2.09 11.11
N ALA A 106 -34.50 -1.24 10.23
CA ALA A 106 -33.22 -0.58 10.43
C ALA A 106 -33.31 0.89 10.03
N ASP A 107 -32.53 1.73 10.73
CA ASP A 107 -32.37 3.12 10.41
C ASP A 107 -31.10 3.36 9.59
N TYR A 108 -31.19 4.20 8.57
CA TYR A 108 -30.05 4.52 7.72
C TYR A 108 -29.86 6.02 7.55
N VAL A 109 -28.60 6.43 7.59
CA VAL A 109 -28.20 7.79 7.31
C VAL A 109 -27.57 7.84 5.92
N VAL A 110 -28.11 8.67 5.03
CA VAL A 110 -27.64 8.71 3.66
C VAL A 110 -27.01 10.03 3.30
N THR A 111 -25.68 10.02 3.29
CA THR A 111 -24.85 11.19 3.01
C THR A 111 -24.01 11.06 1.72
N GLY A 112 -24.26 10.04 0.91
CA GLY A 112 -23.51 9.90 -0.32
C GLY A 112 -23.89 8.68 -1.13
N ALA A 113 -23.10 8.41 -2.18
CA ALA A 113 -23.37 7.26 -3.03
C ALA A 113 -23.27 5.94 -2.24
N TRP A 114 -22.28 5.84 -1.35
CA TRP A 114 -22.08 4.57 -0.60
C TRP A 114 -23.15 4.25 0.45
N SER A 115 -23.56 5.23 1.23
CA SER A 115 -24.63 4.96 2.19
C SER A 115 -25.99 4.76 1.45
N ALA A 116 -26.15 5.39 0.29
CA ALA A 116 -27.29 5.17 -0.60
C ALA A 116 -27.36 3.71 -1.09
N LYS A 117 -26.27 3.21 -1.69
CA LYS A 117 -26.22 1.79 -2.05
C LYS A 117 -26.50 0.91 -0.83
N ALA A 118 -25.90 1.23 0.31
CA ALA A 118 -26.09 0.36 1.48
C ALA A 118 -27.56 0.30 1.88
N ALA A 119 -28.24 1.44 1.86
CA ALA A 119 -29.65 1.50 2.25
C ALA A 119 -30.51 0.72 1.26
N GLU A 120 -30.24 0.93 -0.03
CA GLU A 120 -30.90 0.23 -1.12
C GLU A 120 -30.78 -1.30 -0.95
N GLU A 121 -29.56 -1.78 -0.71
CA GLU A 121 -29.29 -3.20 -0.44
C GLU A 121 -30.07 -3.75 0.78
N ALA A 122 -30.08 -2.98 1.85
CA ALA A 122 -30.75 -3.43 3.08
C ALA A 122 -32.26 -3.66 2.89
N LYS A 123 -32.87 -2.90 1.97
CA LYS A 123 -34.29 -3.09 1.63
C LYS A 123 -34.66 -4.53 1.29
N LYS A 124 -33.68 -5.31 0.85
CA LYS A 124 -33.88 -6.74 0.55
C LYS A 124 -34.20 -7.57 1.78
N PHE A 125 -33.84 -7.05 2.95
CA PHE A 125 -33.82 -7.82 4.19
C PHE A 125 -34.73 -7.31 5.27
N GLY A 126 -35.23 -6.08 5.09
CA GLY A 126 -36.11 -5.44 6.10
C GLY A 126 -36.64 -4.07 5.67
N THR A 127 -37.30 -3.40 6.60
CA THR A 127 -37.92 -2.10 6.37
C THR A 127 -36.96 -1.03 6.82
N ILE A 128 -36.52 -0.25 5.84
CA ILE A 128 -35.43 0.69 6.02
C ILE A 128 -36.04 2.07 6.20
N ASN A 129 -35.66 2.75 7.27
CA ASN A 129 -36.12 4.10 7.49
C ASN A 129 -34.93 5.01 7.24
N ILE A 130 -35.05 5.92 6.28
CA ILE A 130 -34.02 6.93 6.11
C ILE A 130 -34.37 8.10 7.02
N VAL A 131 -33.40 8.43 7.87
CA VAL A 131 -33.69 9.05 9.15
C VAL A 131 -33.87 10.59 9.09
N HIS A 132 -33.57 11.15 7.93
CA HIS A 132 -33.56 12.58 7.71
C HIS A 132 -34.21 12.81 6.34
N PRO A 133 -34.52 14.08 6.00
CA PRO A 133 -34.99 14.29 4.62
C PRO A 133 -33.91 13.95 3.61
N LYS A 134 -34.31 13.30 2.52
CA LYS A 134 -33.38 12.94 1.46
C LYS A 134 -32.66 14.19 0.94
N LEU A 135 -31.34 14.09 0.78
CA LEU A 135 -30.59 15.24 0.27
C LEU A 135 -30.79 15.44 -1.23
N GLY A 136 -30.91 16.71 -1.63
CA GLY A 136 -30.89 17.12 -3.04
C GLY A 136 -29.49 17.02 -3.63
N SER A 137 -28.50 17.47 -2.87
CA SER A 137 -27.09 17.38 -3.23
C SER A 137 -26.33 16.83 -2.01
N TYR A 138 -25.35 15.96 -2.22
CA TYR A 138 -24.60 15.40 -1.08
C TYR A 138 -23.48 16.35 -0.64
N THR A 139 -23.87 17.43 0.01
CA THR A 139 -22.96 18.47 0.39
C THR A 139 -22.90 18.68 1.91
N LYS A 140 -23.58 17.82 2.68
CA LYS A 140 -23.62 17.97 4.14
C LYS A 140 -24.10 16.76 4.89
N ILE A 141 -23.86 16.75 6.20
CA ILE A 141 -24.47 15.75 7.06
C ILE A 141 -25.72 16.35 7.68
N PRO A 142 -26.90 15.76 7.42
CA PRO A 142 -28.11 16.29 8.08
C PRO A 142 -27.95 16.28 9.59
N ASP A 143 -28.40 17.34 10.24
CA ASP A 143 -28.31 17.52 11.69
C ASP A 143 -28.76 16.29 12.49
N PRO A 144 -27.80 15.60 13.16
CA PRO A 144 -28.12 14.37 13.89
C PRO A 144 -29.19 14.55 14.95
N SER A 145 -29.43 15.75 15.44
CA SER A 145 -30.42 15.93 16.48
C SER A 145 -31.83 16.06 15.92
N THR A 146 -31.94 16.17 14.57
CA THR A 146 -33.23 16.05 13.87
C THR A 146 -33.47 14.68 13.25
N TRP A 147 -32.55 13.74 13.46
CA TRP A 147 -32.69 12.41 12.91
C TRP A 147 -33.91 11.78 13.52
N ASN A 148 -34.76 11.20 12.70
CA ASN A 148 -36.00 10.58 13.15
C ASN A 148 -35.73 9.11 13.40
N LEU A 149 -35.30 8.78 14.61
CA LEU A 149 -34.84 7.42 14.94
C LEU A 149 -35.96 6.52 15.38
N ASN A 150 -35.87 5.25 14.99
CA ASN A 150 -36.83 4.24 15.39
C ASN A 150 -36.31 3.56 16.66
N PRO A 151 -37.07 3.72 17.75
CA PRO A 151 -36.63 3.08 18.99
C PRO A 151 -36.56 1.57 18.86
N ASP A 152 -37.31 0.98 17.92
CA ASP A 152 -37.27 -0.46 17.65
C ASP A 152 -36.47 -0.82 16.40
N ALA A 153 -35.60 0.06 15.94
CA ALA A 153 -34.67 -0.28 14.88
C ALA A 153 -33.72 -1.31 15.46
N SER A 154 -33.36 -2.28 14.61
CA SER A 154 -32.38 -3.24 14.98
C SER A 154 -31.00 -2.56 15.10
N TYR A 155 -30.79 -1.51 14.31
CA TYR A 155 -29.55 -0.76 14.29
C TYR A 155 -29.69 0.53 13.49
N VAL A 156 -28.77 1.45 13.74
CA VAL A 156 -28.65 2.66 12.95
C VAL A 156 -27.36 2.55 12.15
N TYR A 157 -27.41 2.92 10.88
CA TYR A 157 -26.28 2.76 9.96
C TYR A 157 -25.88 4.07 9.35
N TYR A 158 -24.57 4.29 9.23
CA TYR A 158 -24.10 5.46 8.49
C TYR A 158 -22.76 5.22 7.85
N CYS A 159 -22.37 6.06 6.87
CA CYS A 159 -21.04 5.96 6.22
C CYS A 159 -20.11 7.10 6.64
N ALA A 160 -18.99 6.73 7.24
CA ALA A 160 -18.03 7.68 7.85
C ALA A 160 -17.45 8.62 6.85
N ASN A 161 -17.23 8.14 5.65
CA ASN A 161 -16.53 8.94 4.64
C ASN A 161 -17.02 8.63 3.24
N GLU A 162 -17.77 9.56 2.68
CA GLU A 162 -18.36 9.35 1.38
C GLU A 162 -17.40 9.72 0.25
N THR A 163 -16.90 8.67 -0.37
CA THR A 163 -15.64 8.68 -1.12
C THR A 163 -15.69 9.49 -2.39
N VAL A 164 -16.89 9.65 -2.93
CA VAL A 164 -17.08 10.33 -4.18
C VAL A 164 -17.52 11.77 -3.97
N HIS A 165 -18.12 12.06 -2.81
CA HIS A 165 -18.76 13.34 -2.56
C HIS A 165 -17.99 14.18 -1.56
N GLY A 166 -17.04 13.57 -0.88
CA GLY A 166 -16.21 14.32 0.06
C GLY A 166 -16.90 14.70 1.35
N VAL A 167 -17.83 13.85 1.81
CA VAL A 167 -18.50 14.13 3.10
C VAL A 167 -18.05 13.15 4.19
N GLU A 168 -17.41 13.68 5.22
CA GLU A 168 -16.84 12.84 6.25
C GLU A 168 -17.34 13.25 7.63
N PHE A 169 -17.78 12.25 8.41
CA PHE A 169 -18.15 12.43 9.80
C PHE A 169 -16.88 12.63 10.58
N ASP A 170 -16.79 13.72 11.34
CA ASP A 170 -15.61 13.98 12.18
C ASP A 170 -16.06 13.98 13.65
N PHE A 171 -17.10 13.21 13.90
CA PHE A 171 -17.70 12.99 15.20
C PHE A 171 -18.44 11.66 15.10
N ILE A 172 -18.84 11.12 16.25
CA ILE A 172 -19.68 9.92 16.32
C ILE A 172 -21.09 10.30 16.72
N PRO A 173 -22.06 10.10 15.82
CA PRO A 173 -23.38 10.65 16.11
C PRO A 173 -24.05 9.95 17.29
N ASP A 174 -24.83 10.73 18.05
CA ASP A 174 -25.63 10.25 19.14
C ASP A 174 -26.89 9.56 18.59
N VAL A 175 -26.91 8.24 18.62
CA VAL A 175 -28.11 7.53 18.16
C VAL A 175 -28.96 6.97 19.30
N LYS A 176 -28.95 7.66 20.45
CA LYS A 176 -29.78 7.33 21.63
C LYS A 176 -29.70 5.87 22.13
N GLY A 177 -28.49 5.35 22.28
CA GLY A 177 -28.28 3.97 22.75
C GLY A 177 -28.44 2.85 21.73
N ALA A 178 -28.77 3.17 20.48
CA ALA A 178 -28.94 2.14 19.45
C ALA A 178 -27.61 1.48 19.05
N VAL A 179 -27.70 0.28 18.45
CA VAL A 179 -26.54 -0.38 17.85
C VAL A 179 -26.07 0.43 16.64
N LEU A 180 -24.84 0.91 16.71
CA LEU A 180 -24.31 1.78 15.66
C LEU A 180 -23.44 0.98 14.73
N VAL A 181 -23.75 1.02 13.43
CA VAL A 181 -22.99 0.31 12.39
C VAL A 181 -22.37 1.32 11.41
N CYS A 182 -21.07 1.15 11.13
CA CYS A 182 -20.37 2.16 10.34
C CYS A 182 -19.50 1.65 9.18
N ASP A 183 -19.80 2.16 8.00
CA ASP A 183 -18.95 1.89 6.85
C ASP A 183 -17.74 2.81 6.95
N MET A 184 -16.57 2.23 7.23
CA MET A 184 -15.35 3.03 7.35
C MET A 184 -14.30 2.78 6.26
N SER A 185 -14.71 2.09 5.19
CA SER A 185 -13.87 1.74 4.05
C SER A 185 -12.78 2.76 3.65
N SER A 186 -13.17 4.00 3.43
CA SER A 186 -12.26 4.97 2.82
C SER A 186 -11.50 5.89 3.77
N ASN A 187 -11.76 5.77 5.07
CA ASN A 187 -10.92 6.46 6.03
C ASN A 187 -10.45 5.57 7.16
N PHE A 188 -10.53 4.25 6.96
CA PHE A 188 -10.15 3.28 8.00
C PHE A 188 -8.68 3.46 8.34
N LEU A 189 -8.42 3.80 9.59
CA LEU A 189 -7.07 3.94 10.09
C LEU A 189 -6.36 5.13 9.46
N SER A 190 -7.15 6.18 9.23
CA SER A 190 -6.66 7.49 8.88
C SER A 190 -6.59 8.38 10.12
N LYS A 191 -7.06 7.83 11.26
CA LYS A 191 -7.19 8.55 12.54
C LYS A 191 -7.63 7.55 13.62
N PRO A 192 -7.44 7.88 14.91
CA PRO A 192 -7.99 7.04 15.97
C PRO A 192 -9.52 6.98 15.92
N VAL A 193 -10.12 5.93 16.48
CA VAL A 193 -11.56 5.75 16.49
C VAL A 193 -11.93 5.17 17.84
N ASP A 194 -12.93 5.76 18.47
CA ASP A 194 -13.43 5.20 19.71
C ASP A 194 -14.41 4.04 19.39
N VAL A 195 -13.82 2.85 19.24
CA VAL A 195 -14.49 1.63 18.80
C VAL A 195 -15.64 1.27 19.71
N SER A 196 -15.54 1.63 20.98
CA SER A 196 -16.52 1.18 21.92
C SER A 196 -17.85 1.88 21.71
N LYS A 197 -17.89 2.90 20.85
CA LYS A 197 -19.18 3.51 20.55
C LYS A 197 -19.99 2.66 19.55
N PHE A 198 -19.36 1.67 18.93
CA PHE A 198 -19.99 1.00 17.80
C PHE A 198 -20.46 -0.41 18.08
N GLY A 199 -21.52 -0.79 17.39
CA GLY A 199 -21.91 -2.19 17.30
C GLY A 199 -21.03 -2.90 16.27
N VAL A 200 -20.94 -2.36 15.07
CA VAL A 200 -20.13 -2.96 13.98
C VAL A 200 -19.39 -1.91 13.23
N ILE A 201 -18.11 -2.13 13.01
CA ILE A 201 -17.36 -1.31 12.05
C ILE A 201 -16.84 -2.19 10.91
N PHE A 202 -16.97 -1.75 9.68
CA PHE A 202 -16.34 -2.52 8.62
C PHE A 202 -15.55 -1.65 7.65
N ALA A 203 -14.63 -2.28 6.91
CA ALA A 203 -13.81 -1.57 5.91
C ALA A 203 -13.19 -2.54 4.93
N GLY A 204 -13.44 -2.35 3.62
CA GLY A 204 -12.71 -3.10 2.58
C GLY A 204 -11.27 -2.62 2.67
N ALA A 205 -10.30 -3.52 2.62
CA ALA A 205 -8.90 -3.09 2.80
C ALA A 205 -8.39 -2.14 1.71
N GLN A 206 -8.96 -2.21 0.52
CA GLN A 206 -8.35 -1.56 -0.65
C GLN A 206 -8.21 -0.04 -0.58
N LYS A 207 -9.21 0.66 -0.06
CA LYS A 207 -9.16 2.12 -0.07
C LYS A 207 -7.94 2.71 0.66
N ASN A 208 -7.63 2.17 1.83
CA ASN A 208 -6.69 2.84 2.71
C ASN A 208 -5.66 1.94 3.38
N VAL A 209 -5.95 0.65 3.49
CA VAL A 209 -5.24 -0.17 4.46
C VAL A 209 -4.63 -1.43 3.85
N GLY A 210 -4.66 -1.50 2.53
CA GLY A 210 -4.06 -2.63 1.82
C GLY A 210 -4.55 -2.77 0.40
N SER A 211 -4.83 -4.00 -0.02
CA SER A 211 -5.24 -4.30 -1.40
C SER A 211 -6.56 -5.09 -1.44
N ALA A 212 -7.28 -5.01 -2.57
CA ALA A 212 -8.61 -5.65 -2.70
C ALA A 212 -8.64 -7.16 -2.42
N GLY A 213 -9.76 -7.61 -1.86
CA GLY A 213 -9.95 -9.03 -1.57
C GLY A 213 -10.30 -9.34 -0.14
N VAL A 214 -9.96 -8.46 0.81
CA VAL A 214 -10.35 -8.68 2.19
C VAL A 214 -11.08 -7.48 2.77
N THR A 215 -11.99 -7.77 3.71
CA THR A 215 -12.73 -6.74 4.42
C THR A 215 -12.61 -6.98 5.93
N VAL A 216 -12.18 -5.97 6.68
CA VAL A 216 -12.08 -6.16 8.12
C VAL A 216 -13.44 -5.81 8.73
N VAL A 217 -13.92 -6.65 9.62
CA VAL A 217 -15.16 -6.37 10.33
C VAL A 217 -14.88 -6.44 11.82
N ILE A 218 -15.19 -5.35 12.52
CA ILE A 218 -15.09 -5.29 13.97
C ILE A 218 -16.51 -5.35 14.53
N VAL A 219 -16.78 -6.34 15.38
CA VAL A 219 -18.15 -6.69 15.83
C VAL A 219 -18.25 -6.85 17.35
N ARG A 220 -19.16 -6.10 17.97
CA ARG A 220 -19.30 -6.21 19.41
C ARG A 220 -19.81 -7.60 19.80
N ASP A 221 -19.24 -8.16 20.85
CA ASP A 221 -19.36 -9.60 21.11
C ASP A 221 -20.76 -10.08 21.52
N ASP A 222 -21.63 -9.13 21.81
CA ASP A 222 -22.98 -9.41 22.16
C ASP A 222 -23.90 -9.36 20.94
N LEU A 223 -23.33 -9.13 19.77
CA LEU A 223 -24.14 -8.97 18.56
C LEU A 223 -24.15 -10.17 17.61
N LEU A 224 -23.51 -11.26 18.00
CA LEU A 224 -23.50 -12.47 17.17
C LEU A 224 -24.76 -13.26 17.51
N GLY A 225 -25.16 -14.20 16.71
CA GLY A 225 -26.34 -14.94 17.18
C GLY A 225 -27.71 -14.38 16.85
N PHE A 226 -27.77 -13.32 16.07
CA PHE A 226 -29.05 -12.87 15.52
C PHE A 226 -29.15 -13.03 13.99
N ALA A 227 -28.24 -13.83 13.42
CA ALA A 227 -28.19 -13.90 11.96
C ALA A 227 -29.40 -14.64 11.38
N LEU A 228 -29.95 -14.08 10.30
CA LEU A 228 -30.99 -14.74 9.54
C LEU A 228 -30.59 -16.13 8.98
N ARG A 229 -31.59 -16.97 8.77
CA ARG A 229 -31.38 -18.26 8.18
C ARG A 229 -30.64 -18.09 6.84
N GLU A 230 -31.07 -17.16 5.98
CA GLU A 230 -30.48 -17.00 4.64
C GLU A 230 -29.05 -16.45 4.58
N CYS A 231 -28.51 -16.03 5.72
CA CYS A 231 -27.17 -15.53 5.72
C CYS A 231 -26.14 -16.58 5.27
N PRO A 232 -25.35 -16.26 4.23
CA PRO A 232 -24.33 -17.25 3.87
C PRO A 232 -23.32 -17.47 5.00
N SER A 233 -22.99 -18.73 5.26
CA SER A 233 -22.07 -19.03 6.33
C SER A 233 -20.74 -18.28 6.22
N VAL A 234 -20.25 -18.07 5.01
CA VAL A 234 -18.98 -17.37 4.85
C VAL A 234 -19.10 -15.91 5.27
N LEU A 235 -20.34 -15.39 5.34
CA LEU A 235 -20.58 -14.01 5.74
C LEU A 235 -21.18 -13.85 7.15
N GLU A 236 -21.45 -14.95 7.83
CA GLU A 236 -22.08 -14.87 9.16
C GLU A 236 -21.06 -14.56 10.26
N TYR A 237 -21.18 -13.40 10.88
CA TYR A 237 -20.24 -12.99 11.94
C TYR A 237 -19.98 -14.02 13.05
N LYS A 238 -21.05 -14.63 13.56
CA LYS A 238 -20.90 -15.67 14.55
C LYS A 238 -19.96 -16.78 14.05
N VAL A 239 -20.28 -17.35 12.89
CA VAL A 239 -19.53 -18.46 12.32
C VAL A 239 -18.07 -18.08 12.09
N GLN A 240 -17.87 -16.90 11.56
CA GLN A 240 -16.54 -16.48 11.21
C GLN A 240 -15.73 -16.19 12.43
N ALA A 241 -16.36 -15.56 13.44
CA ALA A 241 -15.70 -15.26 14.73
C ALA A 241 -15.41 -16.52 15.56
N GLY A 242 -16.28 -17.51 15.49
CA GLY A 242 -15.98 -18.80 16.11
C GLY A 242 -14.93 -19.62 15.38
N ASN A 243 -14.51 -19.19 14.19
CA ASN A 243 -13.46 -19.89 13.44
C ASN A 243 -12.24 -19.04 13.17
N SER A 244 -12.15 -17.91 13.85
CA SER A 244 -11.07 -16.97 13.65
C SER A 244 -10.75 -16.74 12.18
N SER A 245 -11.81 -16.53 11.41
CA SER A 245 -11.77 -16.14 10.00
C SER A 245 -11.30 -17.24 9.08
N LEU A 246 -11.22 -18.45 9.60
CA LEU A 246 -10.85 -19.58 8.77
C LEU A 246 -11.96 -20.58 8.59
N TYR A 247 -13.22 -20.13 8.62
CA TYR A 247 -14.35 -21.03 8.38
C TYR A 247 -14.10 -21.74 7.08
N ASN A 248 -13.87 -20.95 6.04
CA ASN A 248 -13.33 -21.47 4.80
C ASN A 248 -11.94 -20.87 4.52
N THR A 249 -11.49 -20.92 3.27
CA THR A 249 -10.21 -20.39 2.90
C THR A 249 -10.37 -18.89 2.81
N PRO A 250 -9.65 -18.15 3.66
CA PRO A 250 -9.67 -16.69 3.60
C PRO A 250 -8.89 -16.15 2.39
N PRO A 251 -9.00 -14.84 2.11
CA PRO A 251 -8.15 -14.29 1.04
C PRO A 251 -6.72 -14.13 1.59
N CYS A 252 -5.92 -15.19 1.46
CA CYS A 252 -4.68 -15.25 2.23
C CYS A 252 -3.72 -14.13 1.94
N PHE A 253 -3.45 -13.91 0.66
CA PHE A 253 -2.47 -12.93 0.24
C PHE A 253 -2.90 -11.54 0.67
N SER A 254 -4.19 -11.24 0.52
CA SER A 254 -4.75 -9.96 0.91
C SER A 254 -4.57 -9.70 2.40
N ILE A 255 -4.79 -10.73 3.21
CA ILE A 255 -4.61 -10.60 4.65
C ILE A 255 -3.14 -10.33 4.93
N TYR A 256 -2.27 -11.06 4.26
CA TYR A 256 -0.80 -10.82 4.33
C TYR A 256 -0.46 -9.36 3.98
N VAL A 257 -0.95 -8.88 2.84
CA VAL A 257 -0.67 -7.53 2.36
C VAL A 257 -1.17 -6.48 3.35
N MET A 258 -2.35 -6.72 3.91
CA MET A 258 -2.92 -5.84 4.91
C MET A 258 -2.03 -5.77 6.15
N GLY A 259 -1.59 -6.95 6.60
CA GLY A 259 -0.68 -7.07 7.74
C GLY A 259 0.52 -6.14 7.65
N LEU A 260 1.19 -6.18 6.49
CA LEU A 260 2.34 -5.36 6.18
C LEU A 260 1.99 -3.90 6.08
N VAL A 261 0.82 -3.56 5.53
CA VAL A 261 0.41 -2.16 5.60
C VAL A 261 0.20 -1.72 7.05
N LEU A 262 -0.53 -2.49 7.84
CA LEU A 262 -0.79 -2.13 9.24
C LEU A 262 0.52 -1.95 10.01
N GLU A 263 1.51 -2.82 9.75
CA GLU A 263 2.81 -2.71 10.37
C GLU A 263 3.48 -1.40 9.94
N TRP A 264 3.31 -1.06 8.66
CA TRP A 264 3.78 0.19 8.14
C TRP A 264 3.16 1.37 8.89
N ILE A 265 1.86 1.28 9.18
CA ILE A 265 1.18 2.36 9.93
C ILE A 265 1.77 2.49 11.32
N LYS A 266 2.08 1.34 11.91
CA LYS A 266 2.68 1.29 13.22
C LYS A 266 4.06 1.91 13.19
N ASN A 267 4.83 1.57 12.16
CA ASN A 267 6.19 2.04 12.08
C ASN A 267 6.24 3.51 11.73
N ASN A 268 5.12 4.04 11.26
CA ASN A 268 5.05 5.46 10.93
C ASN A 268 4.48 6.35 12.03
N GLY A 269 4.30 5.78 13.22
CA GLY A 269 3.72 6.50 14.35
C GLY A 269 2.29 6.14 14.68
N GLY A 270 1.68 5.22 13.93
CA GLY A 270 0.33 4.78 14.27
C GLY A 270 -0.78 5.69 13.81
N ALA A 271 -2.02 5.32 14.15
CA ALA A 271 -3.23 6.09 13.81
C ALA A 271 -3.14 7.60 14.08
N ALA A 272 -2.53 7.97 15.22
CA ALA A 272 -2.32 9.39 15.56
C ALA A 272 -1.42 10.12 14.52
N ALA A 273 -0.41 9.42 14.02
CA ALA A 273 0.46 9.99 13.02
C ALA A 273 -0.34 10.15 11.74
N MET A 274 -1.15 9.14 11.42
CA MET A 274 -1.98 9.18 10.22
C MET A 274 -2.87 10.39 10.26
N GLU A 275 -3.37 10.71 11.45
CA GLU A 275 -4.31 11.80 11.57
C GLU A 275 -3.56 13.10 11.32
N LYS A 276 -2.36 13.22 11.88
CA LYS A 276 -1.51 14.35 11.61
C LYS A 276 -1.18 14.51 10.10
N LEU A 277 -0.93 13.41 9.41
CA LEU A 277 -0.62 13.48 7.99
C LEU A 277 -1.84 13.81 7.10
N SER A 278 -3.06 13.38 7.50
CA SER A 278 -4.27 13.79 6.77
C SER A 278 -4.54 15.26 6.99
N SER A 279 -4.23 15.75 8.18
CA SER A 279 -4.50 17.14 8.50
C SER A 279 -3.68 17.95 7.55
N ILE A 280 -2.37 17.69 7.53
CA ILE A 280 -1.47 18.49 6.72
C ILE A 280 -1.92 18.43 5.26
N LYS A 281 -2.07 17.21 4.74
CA LYS A 281 -2.37 17.03 3.32
C LYS A 281 -3.63 17.79 2.88
N SER A 282 -4.72 17.61 3.61
CA SER A 282 -5.97 18.25 3.21
C SER A 282 -5.98 19.77 3.41
N GLN A 283 -5.35 20.24 4.50
CA GLN A 283 -5.34 21.68 4.77
C GLN A 283 -4.57 22.41 3.69
N THR A 284 -3.61 21.71 3.10
CA THR A 284 -2.82 22.22 1.98
C THR A 284 -3.72 22.50 0.78
N ILE A 285 -4.55 21.53 0.46
CA ILE A 285 -5.46 21.63 -0.67
C ILE A 285 -6.64 22.57 -0.38
N TYR A 286 -7.24 22.42 0.80
CA TYR A 286 -8.39 23.25 1.21
C TYR A 286 -8.05 24.73 1.34
N GLU A 287 -6.83 25.05 1.76
CA GLU A 287 -6.44 26.46 1.82
C GLU A 287 -6.52 27.06 0.44
N ILE A 288 -5.94 26.36 -0.53
CA ILE A 288 -5.93 26.82 -1.91
C ILE A 288 -7.35 27.05 -2.42
N ILE A 289 -8.23 26.07 -2.22
CA ILE A 289 -9.63 26.24 -2.55
C ILE A 289 -10.21 27.48 -1.84
N ASP A 290 -9.97 27.59 -0.53
CA ASP A 290 -10.61 28.64 0.27
C ASP A 290 -9.99 30.01 0.06
N ASN A 291 -8.87 30.08 -0.64
CA ASN A 291 -8.30 31.38 -0.96
C ASN A 291 -8.30 31.64 -2.45
N SER A 292 -8.96 30.76 -3.21
CA SER A 292 -8.99 30.92 -4.66
C SER A 292 -10.03 31.96 -5.05
N GLN A 293 -10.61 32.59 -4.04
CA GLN A 293 -11.72 33.54 -4.20
C GLN A 293 -12.63 33.20 -5.40
N GLY A 294 -13.29 32.04 -5.32
CA GLY A 294 -14.18 31.57 -6.39
C GLY A 294 -13.61 30.67 -7.49
N PHE A 295 -12.30 30.60 -7.65
CA PHE A 295 -11.71 29.87 -8.78
C PHE A 295 -11.86 28.36 -8.65
N TYR A 296 -11.62 27.86 -7.45
CA TYR A 296 -11.87 26.46 -7.11
C TYR A 296 -13.03 26.42 -6.13
N VAL A 297 -14.00 25.57 -6.41
CA VAL A 297 -15.19 25.52 -5.58
C VAL A 297 -15.48 24.11 -5.14
N CYS A 298 -15.26 23.91 -3.85
CA CYS A 298 -15.59 22.68 -3.20
C CYS A 298 -17.02 22.80 -2.73
N PRO A 299 -17.89 21.90 -3.18
CA PRO A 299 -19.33 21.95 -2.86
C PRO A 299 -19.71 21.57 -1.43
N VAL A 300 -18.78 21.03 -0.64
CA VAL A 300 -19.12 20.51 0.69
C VAL A 300 -19.05 21.59 1.78
N GLU A 301 -20.11 21.70 2.59
CA GLU A 301 -20.12 22.61 3.74
C GLU A 301 -18.89 22.31 4.60
N PRO A 302 -18.13 23.36 4.98
CA PRO A 302 -16.77 23.14 5.52
C PRO A 302 -16.67 22.21 6.73
N GLN A 303 -17.71 22.19 7.56
CA GLN A 303 -17.72 21.38 8.76
C GLN A 303 -17.81 19.89 8.45
N ASN A 304 -18.18 19.53 7.22
CA ASN A 304 -18.27 18.12 6.84
C ASN A 304 -17.30 17.67 5.74
N ARG A 305 -16.31 18.52 5.41
CA ARG A 305 -15.30 18.19 4.41
C ARG A 305 -14.43 16.98 4.72
N SER A 306 -14.43 15.99 3.84
CA SER A 306 -13.50 14.86 3.93
C SER A 306 -12.00 15.29 3.97
N LYS A 307 -11.19 14.54 4.72
CA LYS A 307 -9.73 14.75 4.70
C LYS A 307 -9.08 13.80 3.68
N MET A 308 -9.86 12.80 3.27
CA MET A 308 -9.46 11.73 2.36
C MET A 308 -9.74 12.01 0.89
N ASN A 309 -10.91 12.55 0.58
CA ASN A 309 -11.35 12.83 -0.79
C ASN A 309 -11.85 14.29 -0.90
N ILE A 310 -11.18 15.09 -1.73
CA ILE A 310 -11.52 16.50 -1.86
C ILE A 310 -12.09 16.77 -3.28
N PRO A 311 -13.43 16.77 -3.43
CA PRO A 311 -13.99 17.15 -4.74
C PRO A 311 -14.03 18.66 -4.93
N PHE A 312 -13.75 19.14 -6.14
CA PHE A 312 -13.99 20.57 -6.44
C PHE A 312 -14.28 20.87 -7.89
N ARG A 313 -14.79 22.07 -8.14
CA ARG A 313 -15.07 22.55 -9.48
C ARG A 313 -14.11 23.67 -9.86
N ILE A 314 -13.94 23.89 -11.15
CA ILE A 314 -13.12 25.04 -11.60
C ILE A 314 -13.92 26.08 -12.38
N GLY A 315 -13.68 27.36 -12.09
CA GLY A 315 -14.39 28.44 -12.76
C GLY A 315 -15.54 28.98 -11.94
N ASN A 316 -16.42 28.10 -11.49
CA ASN A 316 -17.59 28.47 -10.67
C ASN A 316 -18.21 27.21 -10.09
N ALA A 317 -19.17 27.38 -9.16
CA ALA A 317 -19.78 26.26 -8.45
C ALA A 317 -20.42 25.19 -9.33
N LYS A 318 -20.84 25.56 -10.54
CA LYS A 318 -21.41 24.57 -11.45
C LYS A 318 -20.34 23.95 -12.36
N GLY A 319 -19.11 24.45 -12.21
CA GLY A 319 -17.97 23.94 -12.96
C GLY A 319 -17.94 24.47 -14.38
N ASP A 320 -16.74 24.80 -14.85
CA ASP A 320 -16.54 25.26 -16.22
C ASP A 320 -15.80 24.21 -17.04
N ASP A 321 -16.50 23.59 -17.97
CA ASP A 321 -16.01 22.39 -18.63
C ASP A 321 -14.65 22.60 -19.29
N ALA A 322 -14.50 23.71 -20.02
CA ALA A 322 -13.23 24.03 -20.70
C ALA A 322 -12.04 24.04 -19.73
N LEU A 323 -12.15 24.86 -18.69
CA LEU A 323 -11.10 25.06 -17.69
C LEU A 323 -10.77 23.76 -16.93
N GLU A 324 -11.76 22.88 -16.79
CA GLU A 324 -11.57 21.63 -16.06
C GLU A 324 -10.84 20.62 -16.95
N LYS A 325 -11.25 20.52 -18.21
CA LYS A 325 -10.52 19.72 -19.18
C LYS A 325 -9.02 20.12 -19.28
N ARG A 326 -8.74 21.43 -19.33
CA ARG A 326 -7.36 21.95 -19.36
C ARG A 326 -6.60 21.58 -18.09
N PHE A 327 -7.28 21.70 -16.97
CA PHE A 327 -6.70 21.31 -15.70
C PHE A 327 -6.33 19.82 -15.70
N LEU A 328 -7.20 18.97 -16.22
CA LEU A 328 -6.89 17.56 -16.23
C LEU A 328 -5.80 17.29 -17.25
N ASP A 329 -5.98 17.81 -18.46
CA ASP A 329 -4.99 17.67 -19.53
C ASP A 329 -3.55 18.05 -19.10
N LYS A 330 -3.40 19.24 -18.49
CA LYS A 330 -2.11 19.71 -17.95
C LYS A 330 -1.60 18.82 -16.81
N ALA A 331 -2.53 18.32 -16.00
CA ALA A 331 -2.17 17.49 -14.87
C ALA A 331 -1.61 16.17 -15.41
N LEU A 332 -2.28 15.62 -16.42
CA LEU A 332 -1.82 14.41 -17.06
C LEU A 332 -0.43 14.67 -17.64
N GLU A 333 -0.25 15.86 -18.20
CA GLU A 333 1.02 16.25 -18.79
C GLU A 333 2.15 16.29 -17.75
N LEU A 334 1.80 16.60 -16.50
CA LEU A 334 2.78 16.58 -15.42
C LEU A 334 2.86 15.22 -14.72
N ASN A 335 2.20 14.21 -15.30
CA ASN A 335 2.11 12.85 -14.74
C ASN A 335 1.35 12.76 -13.42
N MET A 336 0.40 13.66 -13.20
CA MET A 336 -0.46 13.59 -12.03
C MET A 336 -1.77 12.93 -12.39
N LEU A 337 -1.87 11.67 -12.03
CA LEU A 337 -2.95 10.83 -12.52
C LEU A 337 -4.11 10.65 -11.55
N SER A 338 -5.24 10.22 -12.10
CA SER A 338 -6.38 9.81 -11.31
C SER A 338 -7.01 10.97 -10.53
N LEU A 339 -7.01 12.18 -11.11
CA LEU A 339 -7.57 13.35 -10.45
C LEU A 339 -8.94 13.73 -10.99
N LYS A 340 -9.39 13.00 -11.99
CA LYS A 340 -10.68 13.27 -12.62
C LYS A 340 -11.80 12.99 -11.62
N GLY A 341 -12.67 13.97 -11.42
CA GLY A 341 -13.79 13.80 -10.51
C GLY A 341 -14.72 12.74 -11.07
N HIS A 342 -15.47 12.11 -10.17
CA HIS A 342 -16.37 11.01 -10.52
C HIS A 342 -17.48 11.45 -11.47
N ARG A 343 -17.92 10.53 -12.34
CA ARG A 343 -19.07 10.77 -13.26
C ARG A 343 -20.27 11.52 -12.63
N SER A 344 -20.75 11.06 -11.47
CA SER A 344 -21.92 11.62 -10.78
C SER A 344 -21.73 13.03 -10.22
N VAL A 345 -20.49 13.46 -10.01
CA VAL A 345 -20.22 14.78 -9.44
C VAL A 345 -19.62 15.75 -10.48
N GLY A 346 -18.88 15.20 -11.45
CA GLY A 346 -18.04 16.00 -12.37
C GLY A 346 -16.87 16.67 -11.65
N GLY A 347 -16.25 17.66 -12.29
CA GLY A 347 -15.14 18.40 -11.68
C GLY A 347 -13.89 17.59 -11.34
N ILE A 348 -13.18 18.03 -10.30
CA ILE A 348 -11.94 17.38 -9.90
C ILE A 348 -12.12 16.67 -8.54
N ARG A 349 -11.39 15.58 -8.34
CA ARG A 349 -11.24 14.99 -7.04
C ARG A 349 -9.79 14.66 -6.72
N ALA A 350 -9.36 15.06 -5.52
CA ALA A 350 -8.05 14.69 -5.03
C ALA A 350 -8.22 13.68 -3.89
N SER A 351 -7.68 12.49 -4.10
CA SER A 351 -7.67 11.46 -3.06
C SER A 351 -6.37 11.45 -2.31
N LEU A 352 -6.48 11.45 -0.99
CA LEU A 352 -5.32 11.65 -0.13
C LEU A 352 -5.18 10.58 0.94
N TYR A 353 -5.03 9.33 0.54
CA TYR A 353 -4.94 8.27 1.55
C TYR A 353 -3.59 8.24 2.30
N ASN A 354 -3.50 7.44 3.37
CA ASN A 354 -2.24 7.24 4.11
C ASN A 354 -1.03 7.10 3.17
N ALA A 355 -1.18 6.36 2.07
CA ALA A 355 -0.02 6.10 1.20
C ALA A 355 0.34 7.26 0.27
N VAL A 356 -0.62 8.12 -0.07
CA VAL A 356 -0.35 9.37 -0.77
C VAL A 356 0.53 10.25 0.12
N THR A 357 1.73 10.60 -0.36
CA THR A 357 2.67 11.30 0.50
C THR A 357 2.42 12.80 0.58
N ILE A 358 3.01 13.42 1.58
CA ILE A 358 2.96 14.87 1.71
C ILE A 358 3.63 15.52 0.50
N GLU A 359 4.76 14.96 0.08
CA GLU A 359 5.48 15.48 -1.09
C GLU A 359 4.64 15.42 -2.38
N ASP A 360 3.86 14.35 -2.56
CA ASP A 360 2.93 14.27 -3.70
C ASP A 360 1.94 15.42 -3.67
N VAL A 361 1.49 15.71 -2.47
CA VAL A 361 0.39 16.64 -2.28
C VAL A 361 0.89 18.06 -2.43
N GLN A 362 2.12 18.28 -2.00
CA GLN A 362 2.78 19.56 -2.22
C GLN A 362 2.84 19.90 -3.69
N LYS A 363 2.97 18.86 -4.52
CA LYS A 363 3.07 19.06 -5.97
C LYS A 363 1.71 19.40 -6.57
N LEU A 364 0.69 18.61 -6.22
CA LEU A 364 -0.67 18.95 -6.61
C LEU A 364 -0.99 20.40 -6.26
N ALA A 365 -0.71 20.78 -5.03
CA ALA A 365 -0.93 22.15 -4.54
C ALA A 365 -0.23 23.20 -5.41
N ALA A 366 1.05 22.98 -5.69
CA ALA A 366 1.83 23.91 -6.51
C ALA A 366 1.23 24.04 -7.93
N PHE A 367 0.80 22.93 -8.49
CA PHE A 367 0.13 22.91 -9.78
C PHE A 367 -1.19 23.70 -9.78
N MET A 368 -1.99 23.53 -8.73
CA MET A 368 -3.25 24.25 -8.57
C MET A 368 -3.04 25.76 -8.50
N LYS A 369 -2.03 26.18 -7.74
CA LYS A 369 -1.66 27.57 -7.61
C LYS A 369 -1.19 28.18 -8.95
N LYS A 370 -0.38 27.42 -9.68
CA LYS A 370 0.10 27.89 -10.99
C LYS A 370 -1.07 27.97 -11.97
N PHE A 371 -1.92 26.94 -11.98
CA PHE A 371 -3.09 26.91 -12.83
C PHE A 371 -4.01 28.09 -12.54
N LEU A 372 -4.12 28.43 -11.25
CA LEU A 372 -4.91 29.59 -10.87
C LEU A 372 -4.31 30.85 -11.47
N GLU A 373 -3.01 31.06 -11.27
CA GLU A 373 -2.28 32.25 -11.79
C GLU A 373 -2.51 32.50 -13.28
N MET A 374 -2.56 31.43 -14.05
CA MET A 374 -2.61 31.53 -15.49
C MET A 374 -4.02 31.80 -15.99
N HIS A 375 -5.00 31.15 -15.38
CA HIS A 375 -6.36 31.13 -15.93
C HIS A 375 -7.40 32.01 -15.26
N GLN A 376 -7.10 32.49 -14.05
CA GLN A 376 -8.06 33.35 -13.35
C GLN A 376 -8.06 34.75 -13.93
N LEU A 377 -9.17 35.10 -14.57
CA LEU A 377 -9.34 36.35 -15.31
C LEU A 377 -9.43 37.55 -14.37
N GLU B 16 16.19 -27.12 -2.08
CA GLU B 16 14.79 -26.61 -1.95
C GLU B 16 13.78 -27.76 -1.74
N ASN B 17 12.59 -27.41 -1.28
CA ASN B 17 11.61 -28.38 -0.86
C ASN B 17 10.77 -28.98 -1.99
N LEU B 18 9.79 -29.80 -1.63
CA LEU B 18 8.91 -30.41 -2.61
C LEU B 18 7.52 -30.61 -2.02
N TYR B 19 6.52 -29.89 -2.53
CA TYR B 19 5.23 -29.85 -1.84
C TYR B 19 4.12 -30.56 -2.58
N PHE B 20 3.48 -31.51 -1.92
CA PHE B 20 2.41 -32.21 -2.59
C PHE B 20 1.07 -31.61 -2.20
N GLN B 21 0.88 -30.37 -2.65
CA GLN B 21 -0.26 -29.52 -2.32
C GLN B 21 -0.43 -28.54 -3.48
N SER B 22 -1.44 -27.68 -3.42
CA SER B 22 -1.61 -26.71 -4.48
C SER B 22 -0.50 -25.65 -4.48
N MET B 23 0.07 -25.41 -5.66
CA MET B 23 1.24 -24.52 -5.85
C MET B 23 1.03 -23.70 -7.14
N LEU B 24 1.96 -22.78 -7.37
CA LEU B 24 1.99 -22.06 -8.63
C LEU B 24 3.15 -22.59 -9.45
N PRO B 25 3.04 -22.54 -10.79
CA PRO B 25 4.24 -22.91 -11.55
C PRO B 25 5.31 -21.89 -11.25
N HIS B 26 6.51 -22.34 -10.96
CA HIS B 26 7.63 -21.47 -10.62
C HIS B 26 7.73 -20.25 -11.54
N SER B 27 7.50 -20.45 -12.84
CA SER B 27 7.65 -19.37 -13.82
C SER B 27 6.59 -18.25 -13.67
N VAL B 28 5.41 -18.62 -13.17
CA VAL B 28 4.34 -17.66 -12.87
C VAL B 28 4.80 -16.70 -11.77
N LEU B 29 5.39 -17.28 -10.72
CA LEU B 29 5.82 -16.53 -9.55
C LEU B 29 6.97 -15.60 -9.95
N LEU B 30 7.76 -16.03 -10.93
CA LEU B 30 8.85 -15.22 -11.41
C LEU B 30 8.33 -13.97 -12.10
N GLU B 31 7.27 -14.11 -12.88
CA GLU B 31 6.70 -12.97 -13.57
C GLU B 31 5.99 -12.04 -12.61
N ILE B 32 5.31 -12.62 -11.62
CA ILE B 32 4.66 -11.83 -10.59
C ILE B 32 5.67 -10.95 -9.88
N GLN B 33 6.76 -11.56 -9.45
CA GLN B 33 7.80 -10.85 -8.73
C GLN B 33 8.50 -9.78 -9.57
N LYS B 34 8.73 -10.12 -10.85
CA LYS B 34 9.39 -9.24 -11.84
C LYS B 34 8.56 -7.97 -12.01
N GLU B 35 7.24 -8.12 -12.00
CA GLU B 35 6.35 -7.01 -12.29
C GLU B 35 5.65 -6.37 -11.11
N LEU B 36 5.93 -6.83 -9.90
CA LEU B 36 5.22 -6.33 -8.75
C LEU B 36 5.18 -4.82 -8.64
N LEU B 37 6.34 -4.17 -8.62
CA LEU B 37 6.39 -2.72 -8.39
C LEU B 37 5.82 -1.91 -9.55
N ASP B 38 5.89 -2.46 -10.76
CA ASP B 38 5.55 -1.69 -11.94
C ASP B 38 5.02 -2.57 -13.07
N TYR B 39 3.73 -2.90 -13.00
CA TYR B 39 3.10 -3.79 -14.00
C TYR B 39 3.26 -3.33 -15.46
N LYS B 40 4.13 -4.04 -16.18
CA LYS B 40 4.38 -3.81 -17.60
C LYS B 40 4.67 -2.33 -17.85
N GLY B 41 5.60 -1.75 -17.09
CA GLY B 41 5.99 -0.35 -17.27
C GLY B 41 4.92 0.73 -17.05
N VAL B 42 3.75 0.34 -16.52
CA VAL B 42 2.65 1.29 -16.33
C VAL B 42 2.86 2.26 -15.13
N GLY B 43 3.84 1.97 -14.29
CA GLY B 43 4.13 2.81 -13.11
C GLY B 43 3.27 2.51 -11.91
N ILE B 44 2.66 1.32 -11.87
CA ILE B 44 1.73 0.96 -10.80
C ILE B 44 1.66 -0.56 -10.62
N SER B 45 1.57 -1.03 -9.39
CA SER B 45 1.37 -2.45 -9.15
C SER B 45 -0.03 -2.89 -9.51
N VAL B 46 -0.17 -4.13 -9.94
CA VAL B 46 -1.49 -4.74 -10.11
C VAL B 46 -2.20 -4.63 -8.76
N LEU B 47 -1.43 -4.71 -7.67
CA LEU B 47 -1.97 -4.62 -6.29
C LEU B 47 -2.57 -3.25 -5.93
N GLU B 48 -2.18 -2.19 -6.65
CA GLU B 48 -2.69 -0.83 -6.43
C GLU B 48 -3.64 -0.38 -7.56
N MET B 49 -3.84 -1.27 -8.51
CA MET B 49 -4.56 -0.97 -9.72
C MET B 49 -6.03 -0.73 -9.40
N SER B 50 -6.59 0.36 -9.90
CA SER B 50 -8.02 0.63 -9.78
C SER B 50 -8.79 -0.42 -10.58
N HIS B 51 -9.79 -1.04 -9.95
CA HIS B 51 -10.53 -2.08 -10.62
C HIS B 51 -11.34 -1.52 -11.79
N ARG B 52 -11.57 -0.20 -11.76
CA ARG B 52 -12.27 0.51 -12.85
C ARG B 52 -11.32 1.10 -13.93
N SER B 53 -10.03 0.75 -13.90
CA SER B 53 -9.07 1.26 -14.91
C SER B 53 -9.03 0.40 -16.16
N SER B 54 -8.60 0.99 -17.27
CA SER B 54 -8.42 0.24 -18.52
C SER B 54 -7.29 -0.81 -18.42
N ASP B 55 -6.23 -0.49 -17.69
CA ASP B 55 -5.22 -1.48 -17.33
C ASP B 55 -5.84 -2.77 -16.74
N PHE B 56 -6.60 -2.65 -15.66
CA PHE B 56 -7.25 -3.83 -15.09
C PHE B 56 -8.27 -4.45 -16.03
N ALA B 57 -8.99 -3.63 -16.79
CA ALA B 57 -9.99 -4.10 -17.75
C ALA B 57 -9.37 -5.13 -18.71
N LYS B 58 -8.21 -4.79 -19.25
CA LYS B 58 -7.41 -5.73 -20.02
C LYS B 58 -7.23 -7.07 -19.27
N ILE B 59 -6.91 -6.99 -17.99
CA ILE B 59 -6.58 -8.19 -17.21
C ILE B 59 -7.80 -9.11 -17.05
N ILE B 60 -8.86 -8.59 -16.44
CA ILE B 60 -10.03 -9.40 -16.16
C ILE B 60 -10.64 -9.87 -17.49
N ASN B 61 -10.39 -9.10 -18.54
CA ASN B 61 -10.82 -9.51 -19.87
C ASN B 61 -9.98 -10.65 -20.42
N ASN B 62 -8.67 -10.54 -20.25
CA ASN B 62 -7.77 -11.64 -20.58
C ASN B 62 -8.10 -12.92 -19.83
N THR B 63 -8.25 -12.85 -18.50
CA THR B 63 -8.61 -14.01 -17.69
C THR B 63 -9.89 -14.68 -18.17
N GLU B 64 -10.95 -13.90 -18.41
CA GLU B 64 -12.19 -14.52 -18.86
C GLU B 64 -11.97 -15.27 -20.16
N ASN B 65 -11.29 -14.60 -21.09
CA ASN B 65 -11.11 -15.20 -22.41
C ASN B 65 -10.32 -16.50 -22.39
N LEU B 66 -9.37 -16.60 -21.48
CA LEU B 66 -8.58 -17.83 -21.32
C LEU B 66 -9.45 -18.99 -20.83
N VAL B 67 -10.34 -18.74 -19.86
CA VAL B 67 -11.34 -19.73 -19.43
C VAL B 67 -12.12 -20.16 -20.68
N ARG B 68 -12.84 -19.25 -21.33
CA ARG B 68 -13.57 -19.58 -22.55
C ARG B 68 -12.76 -20.41 -23.53
N GLU B 69 -11.54 -19.95 -23.78
CA GLU B 69 -10.66 -20.63 -24.69
C GLU B 69 -10.30 -22.02 -24.17
N LEU B 70 -9.78 -22.11 -22.94
CA LEU B 70 -9.21 -23.36 -22.45
C LEU B 70 -10.23 -24.46 -22.21
N LEU B 71 -11.45 -24.11 -21.84
CA LEU B 71 -12.53 -25.13 -21.67
C LEU B 71 -13.48 -25.17 -22.85
N ALA B 72 -13.30 -24.27 -23.81
CA ALA B 72 -14.25 -24.11 -24.92
C ALA B 72 -15.66 -23.94 -24.37
N VAL B 73 -15.84 -22.90 -23.57
CA VAL B 73 -17.12 -22.51 -23.05
C VAL B 73 -17.98 -22.02 -24.21
N PRO B 74 -19.20 -22.57 -24.38
CA PRO B 74 -20.14 -22.08 -25.38
C PRO B 74 -20.63 -20.66 -25.10
N ASP B 75 -21.12 -20.02 -26.15
CA ASP B 75 -21.49 -18.59 -26.18
C ASP B 75 -22.62 -18.19 -25.27
N ASN B 76 -23.49 -19.14 -24.94
CA ASN B 76 -24.63 -18.88 -24.10
C ASN B 76 -24.27 -19.06 -22.60
N TYR B 77 -22.98 -19.07 -22.27
CA TYR B 77 -22.55 -19.18 -20.90
C TYR B 77 -21.86 -17.92 -20.47
N LYS B 78 -22.20 -17.41 -19.29
CA LYS B 78 -21.48 -16.31 -18.71
C LYS B 78 -20.36 -16.89 -17.87
N VAL B 79 -19.25 -16.15 -17.81
CA VAL B 79 -18.09 -16.54 -17.02
C VAL B 79 -17.81 -15.36 -16.11
N ILE B 80 -18.03 -15.52 -14.81
CA ILE B 80 -17.87 -14.43 -13.85
C ILE B 80 -16.86 -14.78 -12.78
N PHE B 81 -16.26 -13.76 -12.19
CA PHE B 81 -15.29 -13.95 -11.14
C PHE B 81 -15.84 -13.37 -9.86
N LEU B 82 -15.86 -14.17 -8.80
CA LEU B 82 -16.55 -13.81 -7.57
C LEU B 82 -15.65 -14.05 -6.38
N GLN B 83 -16.02 -13.40 -5.28
CA GLN B 83 -15.46 -13.65 -3.97
C GLN B 83 -16.29 -14.67 -3.13
N GLY B 84 -15.73 -15.10 -1.99
CA GLY B 84 -16.39 -15.97 -1.03
C GLY B 84 -16.02 -17.44 -1.09
N GLY B 85 -15.26 -17.81 -2.13
CA GLY B 85 -14.71 -19.16 -2.25
C GLY B 85 -15.70 -20.18 -2.76
N GLY B 86 -15.24 -21.43 -2.84
CA GLY B 86 -16.12 -22.57 -3.09
C GLY B 86 -17.30 -22.60 -2.15
N CYS B 87 -17.04 -22.40 -0.85
CA CYS B 87 -18.07 -22.30 0.18
C CYS B 87 -19.01 -21.15 -0.06
N GLY B 88 -18.51 -20.06 -0.63
CA GLY B 88 -19.38 -18.97 -0.98
C GLY B 88 -20.41 -19.58 -1.89
N GLN B 89 -19.93 -20.35 -2.87
CA GLN B 89 -20.84 -20.92 -3.85
C GLN B 89 -21.82 -21.94 -3.24
N PHE B 90 -21.48 -22.47 -2.08
CA PHE B 90 -22.39 -23.37 -1.35
C PHE B 90 -23.70 -22.67 -1.01
N SER B 91 -23.64 -21.36 -0.79
CA SER B 91 -24.82 -20.49 -0.63
C SER B 91 -25.24 -19.88 -1.96
N ALA B 92 -24.28 -19.35 -2.71
CA ALA B 92 -24.59 -18.67 -3.96
C ALA B 92 -25.38 -19.53 -4.96
N VAL B 93 -25.06 -20.83 -5.07
CA VAL B 93 -25.87 -21.74 -5.92
C VAL B 93 -27.39 -21.76 -5.57
N PRO B 94 -27.75 -22.21 -4.34
CA PRO B 94 -29.19 -22.21 -4.03
C PRO B 94 -29.82 -20.81 -4.11
N LEU B 95 -29.07 -19.79 -3.70
CA LEU B 95 -29.60 -18.43 -3.64
C LEU B 95 -29.98 -17.94 -5.02
N ASN B 96 -29.14 -18.30 -6.00
CA ASN B 96 -29.41 -18.00 -7.39
C ASN B 96 -30.40 -18.92 -8.05
N LEU B 97 -30.54 -20.17 -7.57
CA LEU B 97 -31.28 -21.18 -8.37
C LEU B 97 -32.35 -22.02 -7.68
N ILE B 98 -32.35 -22.07 -6.36
CA ILE B 98 -33.31 -22.95 -5.72
C ILE B 98 -34.71 -22.48 -6.09
N GLY B 99 -34.83 -21.17 -6.36
CA GLY B 99 -36.09 -20.60 -6.77
C GLY B 99 -36.51 -20.90 -8.19
N LEU B 100 -35.71 -21.63 -8.97
CA LEU B 100 -36.04 -21.85 -10.38
C LEU B 100 -37.40 -22.51 -10.51
N LYS B 101 -37.61 -23.57 -9.75
CA LYS B 101 -38.93 -24.15 -9.65
C LYS B 101 -39.51 -23.87 -8.27
N ALA B 102 -40.82 -23.62 -8.22
CA ALA B 102 -41.48 -23.08 -7.01
C ALA B 102 -41.42 -23.93 -5.72
N GLY B 103 -41.24 -25.24 -5.84
CA GLY B 103 -41.02 -26.06 -4.66
C GLY B 103 -39.84 -25.65 -3.80
N ARG B 104 -38.82 -25.08 -4.43
CA ARG B 104 -37.55 -24.78 -3.78
C ARG B 104 -36.86 -26.01 -3.23
N CYS B 105 -36.69 -27.01 -4.09
CA CYS B 105 -35.95 -28.22 -3.77
C CYS B 105 -34.75 -28.40 -4.64
N ALA B 106 -33.73 -29.02 -4.06
CA ALA B 106 -32.58 -29.45 -4.82
C ALA B 106 -32.27 -30.90 -4.51
N ASP B 107 -31.83 -31.63 -5.52
CA ASP B 107 -31.23 -32.94 -5.32
C ASP B 107 -29.71 -32.80 -5.19
N TYR B 108 -29.13 -33.53 -4.26
CA TYR B 108 -27.69 -33.50 -4.03
C TYR B 108 -27.09 -34.92 -4.04
N VAL B 109 -25.93 -35.04 -4.67
CA VAL B 109 -25.14 -36.26 -4.69
C VAL B 109 -23.98 -36.02 -3.71
N VAL B 110 -23.91 -36.82 -2.66
CA VAL B 110 -22.89 -36.61 -1.63
C VAL B 110 -21.86 -37.74 -1.66
N THR B 111 -20.69 -37.42 -2.21
CA THR B 111 -19.63 -38.41 -2.37
C THR B 111 -18.41 -38.10 -1.51
N GLY B 112 -18.50 -37.07 -0.68
CA GLY B 112 -17.43 -36.76 0.26
C GLY B 112 -17.69 -35.53 1.10
N ALA B 113 -16.61 -35.07 1.75
CA ALA B 113 -16.61 -33.94 2.66
C ALA B 113 -17.30 -32.70 2.10
N TRP B 114 -16.87 -32.31 0.90
CA TRP B 114 -17.31 -31.05 0.27
C TRP B 114 -18.76 -31.02 -0.23
N SER B 115 -19.17 -32.09 -0.92
CA SER B 115 -20.58 -32.22 -1.32
C SER B 115 -21.47 -32.30 -0.07
N ALA B 116 -21.00 -33.00 0.95
CA ALA B 116 -21.66 -32.99 2.25
C ALA B 116 -21.84 -31.58 2.84
N LYS B 117 -20.79 -30.74 2.87
CA LYS B 117 -20.95 -29.34 3.36
C LYS B 117 -21.98 -28.59 2.50
N ALA B 118 -21.83 -28.71 1.17
CA ALA B 118 -22.69 -28.06 0.20
C ALA B 118 -24.15 -28.41 0.45
N ALA B 119 -24.44 -29.71 0.54
CA ALA B 119 -25.80 -30.18 0.84
C ALA B 119 -26.32 -29.61 2.16
N GLU B 120 -25.46 -29.59 3.18
CA GLU B 120 -25.84 -29.02 4.47
C GLU B 120 -26.13 -27.50 4.45
N GLU B 121 -25.33 -26.74 3.70
CA GLU B 121 -25.50 -25.29 3.58
C GLU B 121 -26.79 -24.95 2.85
N ALA B 122 -27.10 -25.74 1.82
CA ALA B 122 -28.26 -25.51 0.98
C ALA B 122 -29.58 -25.64 1.75
N LYS B 123 -29.53 -26.26 2.94
CA LYS B 123 -30.71 -26.37 3.78
C LYS B 123 -31.22 -25.03 4.29
N LYS B 124 -30.34 -24.03 4.29
CA LYS B 124 -30.72 -22.68 4.75
C LYS B 124 -31.66 -22.00 3.76
N PHE B 125 -31.73 -22.55 2.54
CA PHE B 125 -32.46 -21.92 1.42
C PHE B 125 -33.56 -22.79 0.77
N GLY B 126 -33.60 -24.09 1.05
CA GLY B 126 -34.68 -24.93 0.50
C GLY B 126 -34.72 -26.36 1.03
N THR B 127 -35.63 -27.16 0.49
CA THR B 127 -35.68 -28.54 0.89
C THR B 127 -34.68 -29.34 0.09
N ILE B 128 -33.72 -29.94 0.80
CA ILE B 128 -32.64 -30.64 0.16
C ILE B 128 -32.82 -32.12 0.30
N ASN B 129 -32.84 -32.82 -0.82
CA ASN B 129 -32.86 -34.28 -0.80
C ASN B 129 -31.54 -34.86 -1.29
N ILE B 130 -31.03 -35.82 -0.54
CA ILE B 130 -29.81 -36.52 -0.96
C ILE B 130 -30.26 -37.74 -1.74
N VAL B 131 -29.83 -37.77 -2.99
CA VAL B 131 -30.35 -38.63 -4.05
C VAL B 131 -30.16 -40.14 -3.89
N HIS B 132 -29.13 -40.53 -3.16
CA HIS B 132 -28.78 -41.92 -2.89
C HIS B 132 -28.84 -42.13 -1.38
N PRO B 133 -28.76 -43.40 -0.91
CA PRO B 133 -28.54 -43.63 0.53
C PRO B 133 -27.19 -43.06 0.94
N LYS B 134 -27.07 -42.60 2.18
CA LYS B 134 -25.80 -42.04 2.67
C LYS B 134 -24.71 -43.11 2.75
N LEU B 135 -23.55 -42.85 2.13
CA LEU B 135 -22.40 -43.76 2.15
C LEU B 135 -21.95 -44.05 3.60
N GLY B 136 -21.64 -45.30 3.91
CA GLY B 136 -21.00 -45.64 5.18
C GLY B 136 -19.60 -45.07 5.26
N SER B 137 -18.97 -44.95 4.08
CA SER B 137 -17.63 -44.40 3.94
C SER B 137 -17.47 -43.93 2.50
N TYR B 138 -16.80 -42.79 2.33
CA TYR B 138 -16.60 -42.18 1.02
C TYR B 138 -15.53 -42.89 0.21
N THR B 139 -15.92 -43.97 -0.45
CA THR B 139 -14.99 -44.84 -1.16
C THR B 139 -15.49 -45.15 -2.58
N LYS B 140 -16.54 -44.45 -3.00
CA LYS B 140 -17.18 -44.64 -4.30
C LYS B 140 -18.25 -43.56 -4.62
N ILE B 141 -18.61 -43.49 -5.89
CA ILE B 141 -19.78 -42.73 -6.34
C ILE B 141 -20.93 -43.73 -6.41
N PRO B 142 -22.00 -43.51 -5.63
CA PRO B 142 -23.09 -44.47 -5.69
C PRO B 142 -23.69 -44.40 -7.09
N ASP B 143 -23.82 -45.54 -7.75
CA ASP B 143 -24.20 -45.62 -9.16
C ASP B 143 -25.42 -44.76 -9.58
N PRO B 144 -25.29 -44.01 -10.68
CA PRO B 144 -26.27 -42.96 -10.97
C PRO B 144 -27.64 -43.48 -11.37
N SER B 145 -27.73 -44.72 -11.83
CA SER B 145 -29.05 -45.19 -12.20
C SER B 145 -29.82 -45.54 -10.93
N THR B 146 -29.08 -45.79 -9.84
CA THR B 146 -29.70 -45.99 -8.53
C THR B 146 -30.18 -44.67 -7.89
N TRP B 147 -29.86 -43.52 -8.50
CA TRP B 147 -30.21 -42.21 -7.91
C TRP B 147 -31.70 -41.93 -7.94
N ASN B 148 -32.20 -41.41 -6.84
CA ASN B 148 -33.61 -41.08 -6.76
C ASN B 148 -33.87 -39.59 -7.04
N LEU B 149 -33.93 -39.21 -8.32
CA LEU B 149 -34.00 -37.80 -8.74
C LEU B 149 -35.41 -37.25 -8.62
N ASN B 150 -35.54 -36.00 -8.20
CA ASN B 150 -36.85 -35.38 -8.09
C ASN B 150 -37.13 -34.51 -9.33
N PRO B 151 -38.19 -34.85 -10.10
CA PRO B 151 -38.49 -34.09 -11.32
C PRO B 151 -38.94 -32.66 -11.05
N ASP B 152 -39.41 -32.38 -9.84
CA ASP B 152 -39.75 -31.02 -9.50
C ASP B 152 -38.62 -30.27 -8.78
N ALA B 153 -37.44 -30.88 -8.65
CA ALA B 153 -36.28 -30.18 -8.06
C ALA B 153 -35.76 -29.05 -8.96
N SER B 154 -35.28 -27.98 -8.34
CA SER B 154 -34.82 -26.85 -9.10
C SER B 154 -33.60 -27.23 -9.91
N TYR B 155 -32.71 -28.02 -9.30
CA TYR B 155 -31.42 -28.40 -9.87
C TYR B 155 -30.85 -29.60 -9.13
N VAL B 156 -29.82 -30.22 -9.72
CA VAL B 156 -29.14 -31.38 -9.16
C VAL B 156 -27.71 -30.98 -9.01
N TYR B 157 -27.12 -31.27 -7.85
CA TYR B 157 -25.79 -30.78 -7.45
C TYR B 157 -24.82 -31.91 -7.17
N TYR B 158 -23.58 -31.81 -7.66
CA TYR B 158 -22.54 -32.77 -7.30
C TYR B 158 -21.12 -32.19 -7.21
N CYS B 159 -20.22 -32.96 -6.59
CA CYS B 159 -18.84 -32.53 -6.48
C CYS B 159 -17.95 -33.46 -7.31
N ALA B 160 -17.42 -32.92 -8.40
CA ALA B 160 -16.59 -33.65 -9.39
C ALA B 160 -15.42 -34.40 -8.76
N ASN B 161 -14.71 -33.73 -7.84
CA ASN B 161 -13.50 -34.29 -7.20
C ASN B 161 -13.44 -34.03 -5.68
N GLU B 162 -13.61 -35.09 -4.88
CA GLU B 162 -13.56 -34.95 -3.39
C GLU B 162 -12.13 -34.96 -2.83
N THR B 163 -11.62 -33.75 -2.56
CA THR B 163 -10.21 -33.48 -2.28
C THR B 163 -9.66 -34.29 -1.13
N VAL B 164 -10.53 -34.61 -0.17
CA VAL B 164 -10.12 -35.29 1.05
C VAL B 164 -10.22 -36.78 0.91
N HIS B 165 -11.21 -37.26 0.19
CA HIS B 165 -11.43 -38.71 0.05
C HIS B 165 -10.99 -39.35 -1.25
N GLY B 166 -10.53 -38.53 -2.20
CA GLY B 166 -9.98 -39.04 -3.46
C GLY B 166 -10.98 -39.71 -4.39
N VAL B 167 -12.20 -39.17 -4.43
CA VAL B 167 -13.32 -39.74 -5.19
C VAL B 167 -13.70 -38.77 -6.30
N GLU B 168 -13.53 -39.21 -7.54
CA GLU B 168 -13.65 -38.31 -8.69
C GLU B 168 -14.61 -38.88 -9.74
N PHE B 169 -15.50 -38.04 -10.25
CA PHE B 169 -16.38 -38.41 -11.35
C PHE B 169 -15.53 -38.44 -12.62
N ASP B 170 -15.65 -39.49 -13.43
CA ASP B 170 -14.94 -39.47 -14.72
C ASP B 170 -15.94 -39.51 -15.87
N PHE B 171 -17.05 -38.84 -15.65
CA PHE B 171 -18.18 -38.83 -16.58
C PHE B 171 -19.11 -37.70 -16.12
N ILE B 172 -20.11 -37.40 -16.94
CA ILE B 172 -21.12 -36.45 -16.54
C ILE B 172 -22.42 -37.21 -16.26
N PRO B 173 -22.95 -37.06 -15.03
CA PRO B 173 -24.14 -37.80 -14.59
C PRO B 173 -25.40 -37.47 -15.40
N ASP B 174 -26.19 -38.48 -15.73
CA ASP B 174 -27.44 -38.26 -16.45
C ASP B 174 -28.53 -37.84 -15.45
N VAL B 175 -28.93 -36.57 -15.51
CA VAL B 175 -29.87 -36.09 -14.52
C VAL B 175 -31.23 -35.79 -15.13
N LYS B 176 -31.61 -36.63 -16.09
CA LYS B 176 -32.93 -36.62 -16.72
C LYS B 176 -33.34 -35.26 -17.28
N GLY B 177 -32.35 -34.41 -17.57
CA GLY B 177 -32.59 -33.12 -18.16
C GLY B 177 -32.65 -32.00 -17.14
N ALA B 178 -32.37 -32.30 -15.89
CA ALA B 178 -32.34 -31.29 -14.85
C ALA B 178 -31.20 -30.31 -15.06
N VAL B 179 -31.32 -29.14 -14.45
CA VAL B 179 -30.19 -28.22 -14.34
C VAL B 179 -29.11 -28.87 -13.47
N LEU B 180 -27.91 -28.98 -14.04
CA LEU B 180 -26.81 -29.67 -13.38
C LEU B 180 -25.84 -28.66 -12.79
N VAL B 181 -25.49 -28.85 -11.52
CA VAL B 181 -24.56 -27.93 -10.86
C VAL B 181 -23.37 -28.72 -10.33
N CYS B 182 -22.15 -28.19 -10.53
CA CYS B 182 -20.95 -28.97 -10.26
C CYS B 182 -19.83 -28.15 -9.64
N ASP B 183 -19.43 -28.57 -8.43
CA ASP B 183 -18.28 -28.02 -7.74
C ASP B 183 -17.04 -28.68 -8.34
N MET B 184 -16.21 -27.87 -9.00
CA MET B 184 -14.99 -28.38 -9.62
C MET B 184 -13.74 -27.75 -9.05
N SER B 185 -13.85 -27.16 -7.86
CA SER B 185 -12.72 -26.51 -7.22
C SER B 185 -11.41 -27.30 -7.35
N SER B 186 -11.40 -28.56 -6.92
CA SER B 186 -10.11 -29.26 -6.84
C SER B 186 -9.62 -29.99 -8.12
N ASN B 187 -10.36 -29.92 -9.23
CA ASN B 187 -9.89 -30.55 -10.49
C ASN B 187 -10.15 -29.67 -11.72
N PHE B 188 -10.48 -28.42 -11.46
CA PHE B 188 -10.77 -27.46 -12.52
C PHE B 188 -9.55 -27.22 -13.44
N LEU B 189 -9.77 -27.47 -14.74
CA LEU B 189 -8.74 -27.38 -15.79
C LEU B 189 -7.61 -28.41 -15.67
N SER B 190 -7.98 -29.61 -15.25
CA SER B 190 -7.07 -30.74 -15.28
C SER B 190 -7.44 -31.65 -16.46
N LYS B 191 -8.42 -31.19 -17.24
CA LYS B 191 -9.00 -31.97 -18.33
C LYS B 191 -10.06 -31.15 -19.07
N PRO B 192 -10.37 -31.57 -20.31
CA PRO B 192 -11.48 -30.94 -21.02
C PRO B 192 -12.79 -31.22 -20.29
N VAL B 193 -13.77 -30.33 -20.49
CA VAL B 193 -15.09 -30.47 -19.87
C VAL B 193 -16.17 -30.06 -20.85
N ASP B 194 -17.15 -30.92 -21.07
CA ASP B 194 -18.29 -30.57 -21.92
C ASP B 194 -19.29 -29.64 -21.17
N VAL B 195 -18.97 -28.34 -21.17
CA VAL B 195 -19.70 -27.31 -20.41
C VAL B 195 -21.20 -27.22 -20.74
N SER B 196 -21.51 -27.53 -22.00
CA SER B 196 -22.87 -27.45 -22.47
C SER B 196 -23.81 -28.36 -21.66
N LYS B 197 -23.24 -29.29 -20.90
CA LYS B 197 -24.04 -30.23 -20.10
C LYS B 197 -24.46 -29.66 -18.73
N PHE B 198 -23.99 -28.47 -18.41
CA PHE B 198 -24.14 -27.94 -17.07
C PHE B 198 -24.97 -26.67 -17.04
N GLY B 199 -25.57 -26.41 -15.88
CA GLY B 199 -26.23 -25.14 -15.64
C GLY B 199 -25.23 -24.17 -15.04
N VAL B 200 -24.43 -24.67 -14.09
CA VAL B 200 -23.40 -23.90 -13.39
C VAL B 200 -22.23 -24.83 -13.10
N ILE B 201 -21.01 -24.36 -13.41
CA ILE B 201 -19.78 -24.94 -12.90
C ILE B 201 -19.13 -23.86 -12.04
N PHE B 202 -18.58 -24.23 -10.90
CA PHE B 202 -17.79 -23.27 -10.17
C PHE B 202 -16.52 -23.89 -9.63
N ALA B 203 -15.59 -23.01 -9.22
CA ALA B 203 -14.26 -23.40 -8.79
C ALA B 203 -13.55 -22.29 -8.00
N GLY B 204 -13.21 -22.57 -6.73
CA GLY B 204 -12.21 -21.77 -6.04
C GLY B 204 -10.92 -21.89 -6.84
N ALA B 205 -10.25 -20.76 -7.07
CA ALA B 205 -9.06 -20.75 -7.92
C ALA B 205 -7.86 -21.42 -7.29
N GLN B 206 -7.87 -21.52 -5.96
CA GLN B 206 -6.67 -21.89 -5.23
C GLN B 206 -6.19 -23.33 -5.39
N LYS B 207 -7.10 -24.27 -5.65
CA LYS B 207 -6.70 -25.68 -5.68
C LYS B 207 -5.83 -25.99 -6.90
N ASN B 208 -6.26 -25.56 -8.08
CA ASN B 208 -5.58 -26.00 -9.27
C ASN B 208 -5.13 -24.89 -10.22
N VAL B 209 -5.64 -23.70 -10.01
CA VAL B 209 -5.76 -22.72 -11.06
C VAL B 209 -5.25 -21.33 -10.67
N GLY B 210 -4.67 -21.20 -9.49
CA GLY B 210 -4.23 -19.89 -9.06
C GLY B 210 -4.12 -19.83 -7.57
N SER B 211 -4.59 -18.74 -7.02
CA SER B 211 -4.39 -18.45 -5.61
C SER B 211 -5.70 -18.06 -4.95
N ALA B 212 -5.75 -18.20 -3.62
CA ALA B 212 -6.97 -17.94 -2.87
C ALA B 212 -7.49 -16.48 -2.95
N GLY B 213 -8.80 -16.36 -3.16
CA GLY B 213 -9.47 -15.06 -3.15
C GLY B 213 -10.43 -14.81 -4.29
N VAL B 214 -10.35 -15.62 -5.36
CA VAL B 214 -11.32 -15.57 -6.44
C VAL B 214 -11.97 -16.95 -6.72
N THR B 215 -13.23 -16.94 -7.15
CA THR B 215 -13.95 -18.15 -7.53
C THR B 215 -14.51 -17.93 -8.93
N VAL B 216 -14.25 -18.85 -9.85
CA VAL B 216 -14.77 -18.69 -11.21
C VAL B 216 -16.15 -19.39 -11.31
N VAL B 217 -17.16 -18.71 -11.84
CA VAL B 217 -18.47 -19.34 -12.04
C VAL B 217 -18.83 -19.26 -13.51
N ILE B 218 -19.11 -20.43 -14.06
CA ILE B 218 -19.62 -20.56 -15.41
C ILE B 218 -21.11 -20.85 -15.32
N VAL B 219 -21.92 -19.93 -15.83
CA VAL B 219 -23.39 -19.98 -15.68
C VAL B 219 -24.10 -19.91 -17.02
N ARG B 220 -25.07 -20.78 -17.25
CA ARG B 220 -25.81 -20.75 -18.50
C ARG B 220 -26.69 -19.51 -18.44
N ASP B 221 -26.65 -18.68 -19.49
CA ASP B 221 -27.25 -17.35 -19.45
C ASP B 221 -28.77 -17.34 -19.25
N ASP B 222 -29.44 -18.45 -19.54
CA ASP B 222 -30.87 -18.55 -19.32
C ASP B 222 -31.19 -18.85 -17.86
N LEU B 223 -30.17 -18.96 -17.01
CA LEU B 223 -30.37 -19.26 -15.58
C LEU B 223 -30.10 -18.07 -14.65
N LEU B 224 -30.13 -16.84 -15.16
CA LEU B 224 -29.96 -15.66 -14.30
C LEU B 224 -31.32 -15.11 -13.85
N GLY B 225 -31.33 -14.23 -12.86
CA GLY B 225 -32.64 -13.72 -12.41
C GLY B 225 -33.73 -14.77 -12.09
N PHE B 226 -33.33 -15.77 -11.31
CA PHE B 226 -34.25 -16.56 -10.54
C PHE B 226 -33.85 -16.39 -9.09
N ALA B 227 -32.86 -15.53 -8.86
CA ALA B 227 -32.25 -15.32 -7.56
C ALA B 227 -33.25 -14.95 -6.50
N LEU B 228 -33.09 -15.50 -5.31
CA LEU B 228 -33.89 -15.11 -4.16
C LEU B 228 -33.63 -13.66 -3.75
N ARG B 229 -34.63 -13.03 -3.17
CA ARG B 229 -34.51 -11.66 -2.69
C ARG B 229 -33.38 -11.48 -1.67
N GLU B 230 -33.06 -12.55 -0.95
CA GLU B 230 -32.08 -12.53 0.13
C GLU B 230 -30.64 -12.64 -0.38
N CYS B 231 -30.50 -12.95 -1.68
CA CYS B 231 -29.19 -13.11 -2.28
C CYS B 231 -28.38 -11.83 -2.26
N PRO B 232 -27.25 -11.82 -1.58
CA PRO B 232 -26.43 -10.62 -1.54
C PRO B 232 -26.00 -10.23 -2.95
N SER B 233 -26.17 -8.95 -3.32
CA SER B 233 -25.95 -8.54 -4.71
C SER B 233 -24.62 -9.00 -5.28
N VAL B 234 -23.57 -8.92 -4.48
CA VAL B 234 -22.23 -9.31 -4.96
C VAL B 234 -22.08 -10.80 -5.25
N LEU B 235 -23.03 -11.59 -4.80
CA LEU B 235 -23.01 -13.01 -5.13
C LEU B 235 -24.09 -13.40 -6.15
N GLU B 236 -24.92 -12.44 -6.53
CA GLU B 236 -26.01 -12.67 -7.48
C GLU B 236 -25.49 -12.76 -8.93
N TYR B 237 -25.65 -13.94 -9.54
CA TYR B 237 -25.08 -14.16 -10.87
C TYR B 237 -25.45 -13.07 -11.86
N LYS B 238 -26.75 -12.81 -11.98
CA LYS B 238 -27.27 -11.74 -12.84
C LYS B 238 -26.57 -10.38 -12.64
N VAL B 239 -26.45 -9.93 -11.39
CA VAL B 239 -25.85 -8.63 -11.07
C VAL B 239 -24.40 -8.58 -11.54
N GLN B 240 -23.68 -9.63 -11.22
CA GLN B 240 -22.27 -9.76 -11.49
C GLN B 240 -21.96 -9.98 -12.97
N ALA B 241 -22.82 -10.71 -13.67
CA ALA B 241 -22.64 -10.95 -15.09
C ALA B 241 -22.96 -9.69 -15.88
N GLY B 242 -24.05 -9.01 -15.50
CA GLY B 242 -24.41 -7.77 -16.15
C GLY B 242 -23.43 -6.63 -15.91
N ASN B 243 -22.43 -6.87 -15.06
CA ASN B 243 -21.42 -5.86 -14.76
C ASN B 243 -19.99 -6.32 -15.07
N SER B 244 -19.86 -7.48 -15.73
CA SER B 244 -18.56 -8.09 -16.05
C SER B 244 -17.72 -8.31 -14.80
N SER B 245 -18.35 -8.86 -13.77
CA SER B 245 -17.70 -9.05 -12.48
C SER B 245 -17.15 -7.74 -11.91
N LEU B 246 -17.67 -6.59 -12.35
CA LEU B 246 -17.20 -5.27 -11.87
C LEU B 246 -18.26 -4.47 -11.10
N TYR B 247 -19.25 -5.20 -10.59
CA TYR B 247 -20.29 -4.66 -9.71
C TYR B 247 -19.73 -3.95 -8.47
N ASN B 248 -18.79 -4.58 -7.80
CA ASN B 248 -18.00 -3.90 -6.79
C ASN B 248 -16.53 -4.20 -7.05
N THR B 249 -15.67 -3.94 -6.08
CA THR B 249 -14.25 -4.16 -6.33
C THR B 249 -14.00 -5.66 -6.33
N PRO B 250 -13.51 -6.21 -7.46
CA PRO B 250 -13.17 -7.65 -7.54
C PRO B 250 -11.82 -7.93 -6.88
N PRO B 251 -11.53 -9.22 -6.60
CA PRO B 251 -10.24 -9.58 -6.01
C PRO B 251 -9.18 -9.49 -7.11
N CYS B 252 -8.70 -8.28 -7.34
CA CYS B 252 -7.92 -7.93 -8.52
C CYS B 252 -6.66 -8.77 -8.72
N PHE B 253 -5.87 -8.85 -7.65
CA PHE B 253 -4.66 -9.66 -7.65
C PHE B 253 -4.93 -11.12 -7.94
N SER B 254 -5.91 -11.71 -7.24
CA SER B 254 -6.22 -13.10 -7.46
C SER B 254 -6.56 -13.33 -8.92
N ILE B 255 -7.25 -12.37 -9.53
CA ILE B 255 -7.64 -12.50 -10.92
C ILE B 255 -6.41 -12.45 -11.83
N TYR B 256 -5.54 -11.48 -11.58
CA TYR B 256 -4.28 -11.36 -12.29
C TYR B 256 -3.48 -12.65 -12.24
N VAL B 257 -3.38 -13.23 -11.04
CA VAL B 257 -2.55 -14.40 -10.80
C VAL B 257 -3.14 -15.56 -11.54
N MET B 258 -4.43 -15.81 -11.33
CA MET B 258 -5.11 -16.82 -12.08
C MET B 258 -4.90 -16.70 -13.61
N GLY B 259 -4.96 -15.48 -14.13
CA GLY B 259 -4.76 -15.20 -15.55
C GLY B 259 -3.45 -15.74 -16.07
N LEU B 260 -2.38 -15.50 -15.30
CA LEU B 260 -1.07 -16.07 -15.59
C LEU B 260 -1.08 -17.60 -15.57
N VAL B 261 -1.65 -18.17 -14.49
CA VAL B 261 -1.73 -19.62 -14.40
C VAL B 261 -2.39 -20.19 -15.68
N LEU B 262 -3.51 -19.60 -16.11
CA LEU B 262 -4.22 -20.09 -17.30
C LEU B 262 -3.40 -19.93 -18.56
N GLU B 263 -2.62 -18.85 -18.58
CA GLU B 263 -1.69 -18.55 -19.66
C GLU B 263 -0.60 -19.63 -19.72
N TRP B 264 -0.13 -20.06 -18.55
CA TRP B 264 0.81 -21.18 -18.44
C TRP B 264 0.19 -22.50 -18.89
N ILE B 265 -1.08 -22.74 -18.55
CA ILE B 265 -1.75 -23.94 -19.02
C ILE B 265 -1.79 -23.89 -20.55
N LYS B 266 -2.22 -22.75 -21.09
CA LYS B 266 -2.37 -22.59 -22.51
C LYS B 266 -1.06 -22.96 -23.22
N ASN B 267 0.04 -22.36 -22.75
CA ASN B 267 1.38 -22.57 -23.30
C ASN B 267 1.91 -23.98 -23.11
N ASN B 268 1.28 -24.74 -22.22
CA ASN B 268 1.70 -26.12 -22.01
C ASN B 268 0.75 -27.12 -22.64
N GLY B 269 -0.15 -26.62 -23.48
CA GLY B 269 -0.97 -27.48 -24.30
C GLY B 269 -2.43 -27.57 -23.92
N GLY B 270 -2.87 -26.69 -23.02
CA GLY B 270 -4.29 -26.56 -22.69
C GLY B 270 -4.84 -27.74 -21.91
N ALA B 271 -6.17 -27.72 -21.74
CA ALA B 271 -6.91 -28.75 -20.97
C ALA B 271 -6.51 -30.18 -21.34
N ALA B 272 -6.33 -30.44 -22.64
CA ALA B 272 -5.91 -31.76 -23.10
C ALA B 272 -4.57 -32.22 -22.50
N ALA B 273 -3.57 -31.33 -22.52
CA ALA B 273 -2.27 -31.66 -21.92
C ALA B 273 -2.37 -31.85 -20.41
N MET B 274 -3.21 -31.08 -19.71
CA MET B 274 -3.30 -31.30 -18.28
C MET B 274 -3.82 -32.70 -18.02
N GLU B 275 -4.81 -33.12 -18.81
CA GLU B 275 -5.38 -34.45 -18.67
C GLU B 275 -4.32 -35.52 -18.89
N LYS B 276 -3.44 -35.27 -19.86
CA LYS B 276 -2.33 -36.17 -20.15
C LYS B 276 -1.36 -36.27 -18.97
N LEU B 277 -1.01 -35.11 -18.41
CA LEU B 277 -0.20 -35.04 -17.20
C LEU B 277 -0.87 -35.73 -16.00
N SER B 278 -2.14 -35.44 -15.76
CA SER B 278 -2.86 -35.98 -14.61
C SER B 278 -2.92 -37.49 -14.64
N SER B 279 -2.90 -38.03 -15.85
CA SER B 279 -2.92 -39.47 -16.08
C SER B 279 -1.58 -40.11 -15.74
N ILE B 280 -0.52 -39.60 -16.36
CA ILE B 280 0.85 -39.99 -16.04
C ILE B 280 1.09 -39.91 -14.53
N LYS B 281 0.85 -38.75 -13.94
CA LYS B 281 1.18 -38.54 -12.54
C LYS B 281 0.49 -39.57 -11.64
N SER B 282 -0.80 -39.76 -11.82
CA SER B 282 -1.57 -40.59 -10.91
C SER B 282 -1.39 -42.09 -11.14
N GLN B 283 -1.26 -42.50 -12.40
CA GLN B 283 -1.03 -43.92 -12.70
C GLN B 283 0.32 -44.38 -12.18
N THR B 284 1.26 -43.45 -12.02
CA THR B 284 2.54 -43.75 -11.42
C THR B 284 2.36 -44.17 -9.97
N ILE B 285 1.46 -43.49 -9.28
CA ILE B 285 1.22 -43.81 -7.89
C ILE B 285 0.28 -45.00 -7.76
N TYR B 286 -0.77 -45.04 -8.58
CA TYR B 286 -1.70 -46.15 -8.49
C TYR B 286 -1.10 -47.48 -8.93
N GLU B 287 -0.02 -47.40 -9.70
CA GLU B 287 0.68 -48.56 -10.17
C GLU B 287 1.41 -49.18 -9.00
N ILE B 288 2.11 -48.33 -8.26
CA ILE B 288 2.85 -48.77 -7.09
C ILE B 288 1.85 -49.32 -6.07
N ILE B 289 0.80 -48.56 -5.79
CA ILE B 289 -0.23 -49.01 -4.88
C ILE B 289 -0.72 -50.43 -5.21
N ASP B 290 -1.21 -50.64 -6.43
CA ASP B 290 -1.89 -51.87 -6.79
C ASP B 290 -0.93 -53.06 -6.84
N ASN B 291 0.36 -52.80 -6.98
CA ASN B 291 1.36 -53.89 -7.07
C ASN B 291 2.15 -54.09 -5.77
N SER B 292 1.76 -53.36 -4.72
CA SER B 292 2.37 -53.46 -3.41
C SER B 292 1.80 -54.62 -2.60
N GLN B 293 0.92 -55.39 -3.25
CA GLN B 293 0.18 -56.51 -2.64
C GLN B 293 -0.19 -56.27 -1.18
N GLY B 294 -0.93 -55.19 -0.97
CA GLY B 294 -1.54 -54.90 0.31
C GLY B 294 -0.69 -54.05 1.20
N PHE B 295 0.50 -53.67 0.73
CA PHE B 295 1.41 -52.87 1.53
C PHE B 295 0.97 -51.42 1.59
N TYR B 296 0.59 -50.88 0.42
CA TYR B 296 -0.05 -49.58 0.31
C TYR B 296 -1.46 -49.86 -0.13
N VAL B 297 -2.45 -49.39 0.63
CA VAL B 297 -3.83 -49.63 0.26
C VAL B 297 -4.59 -48.32 0.04
N CYS B 298 -5.23 -48.21 -1.10
CA CYS B 298 -6.07 -47.08 -1.40
C CYS B 298 -7.54 -47.47 -1.19
N PRO B 299 -8.28 -46.68 -0.41
CA PRO B 299 -9.63 -47.10 -0.05
C PRO B 299 -10.69 -46.84 -1.11
N VAL B 300 -10.40 -46.01 -2.11
CA VAL B 300 -11.42 -45.71 -3.12
C VAL B 300 -11.48 -46.83 -4.17
N GLU B 301 -12.69 -47.21 -4.56
CA GLU B 301 -12.87 -48.11 -5.69
C GLU B 301 -12.20 -47.56 -6.96
N PRO B 302 -11.34 -48.39 -7.61
CA PRO B 302 -10.67 -48.16 -8.87
C PRO B 302 -11.39 -47.28 -9.89
N GLN B 303 -12.66 -47.59 -10.17
CA GLN B 303 -13.41 -46.87 -11.22
C GLN B 303 -13.70 -45.41 -10.87
N ASN B 304 -13.57 -45.04 -9.59
CA ASN B 304 -13.88 -43.71 -9.06
C ASN B 304 -12.68 -42.95 -8.48
N ARG B 305 -11.49 -43.55 -8.50
CA ARG B 305 -10.31 -42.91 -7.90
C ARG B 305 -9.99 -41.55 -8.52
N SER B 306 -9.66 -40.57 -7.67
CA SER B 306 -9.21 -39.26 -8.12
C SER B 306 -7.87 -39.32 -8.80
N LYS B 307 -7.69 -38.46 -9.81
CA LYS B 307 -6.39 -38.22 -10.45
C LYS B 307 -5.65 -37.08 -9.73
N MET B 308 -6.40 -36.32 -8.93
CA MET B 308 -5.88 -35.15 -8.21
C MET B 308 -5.37 -35.49 -6.84
N ASN B 309 -6.13 -36.27 -6.10
CA ASN B 309 -5.84 -36.55 -4.71
C ASN B 309 -5.81 -38.06 -4.49
N ILE B 310 -4.67 -38.56 -4.02
CA ILE B 310 -4.48 -39.98 -3.81
C ILE B 310 -4.24 -40.29 -2.33
N PRO B 311 -5.30 -40.74 -1.64
CA PRO B 311 -5.19 -41.14 -0.24
C PRO B 311 -4.89 -42.64 -0.09
N PHE B 312 -3.99 -42.98 0.81
CA PHE B 312 -3.70 -44.37 1.04
C PHE B 312 -3.12 -44.64 2.43
N ARG B 313 -3.24 -45.90 2.83
CA ARG B 313 -2.75 -46.39 4.11
C ARG B 313 -1.52 -47.26 3.88
N ILE B 314 -0.66 -47.39 4.88
CA ILE B 314 0.49 -48.29 4.77
C ILE B 314 0.36 -49.44 5.77
N GLY B 315 0.79 -50.64 5.38
CA GLY B 315 0.80 -51.79 6.29
C GLY B 315 -0.44 -52.65 6.11
N ASN B 316 -1.59 -52.05 6.41
CA ASN B 316 -2.88 -52.67 6.14
C ASN B 316 -3.92 -51.60 5.80
N ALA B 317 -5.06 -52.04 5.27
CA ALA B 317 -6.16 -51.13 4.92
C ALA B 317 -6.56 -50.14 6.03
N LYS B 318 -6.32 -50.49 7.29
CA LYS B 318 -6.65 -49.62 8.41
C LYS B 318 -5.49 -48.72 8.81
N GLY B 319 -4.34 -48.91 8.17
CA GLY B 319 -3.16 -48.12 8.52
C GLY B 319 -2.35 -48.69 9.68
N ASP B 320 -1.04 -48.71 9.48
CA ASP B 320 -0.07 -49.18 10.44
C ASP B 320 0.67 -47.94 10.92
N ASP B 321 0.35 -47.50 12.12
CA ASP B 321 0.86 -46.24 12.66
C ASP B 321 2.39 -46.10 12.64
N ALA B 322 3.09 -47.15 13.04
CA ALA B 322 4.54 -47.13 13.04
C ALA B 322 5.08 -46.90 11.63
N LEU B 323 4.57 -47.67 10.67
CA LEU B 323 5.01 -47.54 9.27
C LEU B 323 4.62 -46.21 8.67
N GLU B 324 3.45 -45.71 9.03
CA GLU B 324 3.01 -44.43 8.49
C GLU B 324 3.82 -43.25 9.02
N LYS B 325 4.04 -43.23 10.33
CA LYS B 325 4.88 -42.20 10.92
C LYS B 325 6.25 -42.23 10.25
N ARG B 326 6.84 -43.41 10.15
CA ARG B 326 8.18 -43.54 9.59
C ARG B 326 8.22 -43.09 8.13
N PHE B 327 7.16 -43.46 7.39
CA PHE B 327 7.02 -43.04 5.99
C PHE B 327 7.13 -41.52 5.91
N LEU B 328 6.22 -40.85 6.59
CA LEU B 328 6.18 -39.39 6.61
C LEU B 328 7.46 -38.80 7.16
N ASP B 329 7.95 -39.37 8.25
CA ASP B 329 9.27 -39.01 8.78
C ASP B 329 10.34 -38.96 7.66
N LYS B 330 10.55 -40.07 6.95
CA LYS B 330 11.62 -40.16 5.93
C LYS B 330 11.34 -39.28 4.72
N ALA B 331 10.08 -39.25 4.31
CA ALA B 331 9.62 -38.37 3.24
C ALA B 331 10.18 -36.98 3.53
N LEU B 332 9.96 -36.50 4.75
CA LEU B 332 10.36 -35.17 5.19
C LEU B 332 11.87 -34.94 5.10
N GLU B 333 12.60 -35.98 5.45
CA GLU B 333 14.05 -35.92 5.46
C GLU B 333 14.54 -35.92 4.03
N LEU B 334 13.72 -36.41 3.12
CA LEU B 334 13.99 -36.26 1.70
C LEU B 334 13.32 -35.00 1.18
N ASN B 335 12.95 -34.11 2.07
CA ASN B 335 12.32 -32.83 1.73
C ASN B 335 11.01 -32.91 0.96
N MET B 336 10.27 -34.00 1.15
CA MET B 336 8.95 -34.10 0.54
C MET B 336 7.89 -33.74 1.57
N LEU B 337 7.16 -32.68 1.29
CA LEU B 337 6.25 -32.09 2.26
C LEU B 337 4.79 -32.26 1.90
N SER B 338 3.95 -32.22 2.93
CA SER B 338 2.52 -32.12 2.76
C SER B 338 1.91 -33.44 2.25
N LEU B 339 2.41 -34.59 2.73
CA LEU B 339 1.94 -35.89 2.28
C LEU B 339 0.99 -36.52 3.29
N LYS B 340 0.86 -35.87 4.45
CA LYS B 340 0.01 -36.35 5.52
C LYS B 340 -1.45 -36.32 5.11
N GLY B 341 -2.14 -37.46 5.25
CA GLY B 341 -3.57 -37.55 4.91
C GLY B 341 -4.37 -36.59 5.79
N HIS B 342 -5.53 -36.15 5.31
CA HIS B 342 -6.34 -35.19 6.05
C HIS B 342 -6.76 -35.73 7.43
N ARG B 343 -6.67 -34.86 8.45
CA ARG B 343 -6.94 -35.18 9.87
C ARG B 343 -8.18 -36.06 10.14
N SER B 344 -9.19 -35.94 9.30
CA SER B 344 -10.40 -36.76 9.43
C SER B 344 -10.32 -38.13 8.72
N VAL B 345 -9.13 -38.54 8.31
CA VAL B 345 -9.01 -39.77 7.50
C VAL B 345 -7.76 -40.52 7.89
N GLY B 346 -6.77 -39.77 8.39
CA GLY B 346 -5.43 -40.30 8.67
C GLY B 346 -4.70 -40.85 7.45
N GLY B 347 -3.54 -41.46 7.70
CA GLY B 347 -2.75 -42.05 6.63
C GLY B 347 -2.03 -41.00 5.79
N ILE B 348 -1.95 -41.28 4.50
CA ILE B 348 -1.14 -40.49 3.59
C ILE B 348 -2.03 -39.98 2.48
N ARG B 349 -1.73 -38.79 1.97
CA ARG B 349 -2.37 -38.32 0.75
C ARG B 349 -1.35 -37.57 -0.12
N ALA B 350 -1.23 -37.99 -1.37
CA ALA B 350 -0.44 -37.27 -2.35
C ALA B 350 -1.38 -36.44 -3.21
N SER B 351 -1.29 -35.11 -3.10
CA SER B 351 -1.98 -34.20 -4.02
C SER B 351 -1.14 -33.88 -5.27
N LEU B 352 -1.80 -33.91 -6.42
CA LEU B 352 -1.15 -34.00 -7.72
C LEU B 352 -1.72 -33.01 -8.72
N TYR B 353 -1.97 -31.79 -8.27
CA TYR B 353 -2.45 -30.69 -9.10
C TYR B 353 -1.52 -30.36 -10.29
N ASN B 354 -1.97 -29.45 -11.15
CA ASN B 354 -1.25 -29.09 -12.38
C ASN B 354 0.22 -28.73 -12.14
N ALA B 355 0.47 -27.94 -11.10
CA ALA B 355 1.77 -27.35 -10.81
C ALA B 355 2.74 -28.37 -10.25
N VAL B 356 2.21 -29.47 -9.72
CA VAL B 356 3.02 -30.58 -9.19
C VAL B 356 3.50 -31.41 -10.40
N THR B 357 4.81 -31.38 -10.68
CA THR B 357 5.36 -31.94 -11.93
C THR B 357 5.51 -33.47 -11.97
N ILE B 358 5.71 -34.00 -13.17
CA ILE B 358 6.05 -35.42 -13.37
C ILE B 358 7.39 -35.78 -12.70
N GLU B 359 8.29 -34.80 -12.63
CA GLU B 359 9.58 -35.00 -11.97
C GLU B 359 9.39 -35.12 -10.46
N ASP B 360 8.49 -34.31 -9.94
CA ASP B 360 8.13 -34.36 -8.53
C ASP B 360 7.52 -35.71 -8.17
N VAL B 361 6.51 -36.14 -8.93
CA VAL B 361 5.85 -37.42 -8.66
C VAL B 361 6.84 -38.58 -8.77
N GLN B 362 7.81 -38.39 -9.67
CA GLN B 362 8.81 -39.40 -9.96
C GLN B 362 9.66 -39.73 -8.74
N LYS B 363 10.02 -38.69 -8.00
CA LYS B 363 10.73 -38.78 -6.72
C LYS B 363 9.86 -39.40 -5.61
N LEU B 364 8.57 -39.04 -5.60
CA LEU B 364 7.64 -39.61 -4.63
C LEU B 364 7.52 -41.10 -4.84
N ALA B 365 7.45 -41.50 -6.12
CA ALA B 365 7.31 -42.89 -6.50
C ALA B 365 8.55 -43.70 -6.15
N ALA B 366 9.73 -43.20 -6.52
CA ALA B 366 11.00 -43.85 -6.17
C ALA B 366 11.01 -44.16 -4.69
N PHE B 367 10.67 -43.15 -3.90
CA PHE B 367 10.59 -43.26 -2.43
C PHE B 367 9.66 -44.39 -2.00
N MET B 368 8.46 -44.40 -2.55
CA MET B 368 7.49 -45.42 -2.22
C MET B 368 7.98 -46.83 -2.51
N LYS B 369 8.59 -47.04 -3.68
CA LYS B 369 9.12 -48.35 -4.05
C LYS B 369 10.16 -48.76 -3.01
N LYS B 370 11.10 -47.86 -2.73
CA LYS B 370 12.19 -48.14 -1.79
C LYS B 370 11.70 -48.32 -0.34
N PHE B 371 10.68 -47.56 0.05
CA PHE B 371 10.09 -47.74 1.37
C PHE B 371 9.40 -49.10 1.46
N LEU B 372 8.70 -49.48 0.39
CA LEU B 372 8.13 -50.82 0.32
C LEU B 372 9.21 -51.87 0.38
N GLU B 373 10.37 -51.54 -0.18
CA GLU B 373 11.48 -52.48 -0.24
C GLU B 373 12.09 -52.69 1.13
N MET B 374 12.44 -51.59 1.79
CA MET B 374 13.11 -51.60 3.09
C MET B 374 12.23 -52.07 4.24
N HIS B 375 10.90 -52.12 4.04
CA HIS B 375 9.95 -52.37 5.14
C HIS B 375 8.92 -53.46 4.94
N GLN B 376 8.86 -54.10 3.78
CA GLN B 376 7.83 -55.13 3.55
C GLN B 376 8.29 -56.57 3.88
N LEU B 377 7.41 -57.31 4.58
CA LEU B 377 7.77 -58.60 5.20
C LEU B 377 7.18 -59.86 4.51
N THR C 15 14.28 -4.26 2.26
CA THR C 15 15.48 -3.93 1.39
C THR C 15 15.62 -2.44 1.00
N GLU C 16 14.69 -1.61 1.48
CA GLU C 16 14.84 -0.16 1.40
C GLU C 16 15.75 0.35 2.53
N ASN C 17 16.79 1.09 2.18
CA ASN C 17 17.64 1.78 3.14
C ASN C 17 17.20 3.23 3.36
N LEU C 18 17.21 3.69 4.60
CA LEU C 18 16.91 5.08 4.90
C LEU C 18 18.14 5.80 5.39
N TYR C 19 18.65 6.72 4.59
CA TYR C 19 19.82 7.55 4.93
C TYR C 19 19.43 8.94 5.44
N PHE C 20 19.70 9.25 6.70
CA PHE C 20 19.52 10.62 7.19
C PHE C 20 20.78 11.44 6.98
N GLN C 21 20.93 11.90 5.74
CA GLN C 21 22.08 12.66 5.22
C GLN C 21 21.66 13.34 3.91
N SER C 22 22.55 14.07 3.25
CA SER C 22 22.14 14.72 2.02
C SER C 22 21.89 13.73 0.90
N MET C 23 20.73 13.90 0.26
CA MET C 23 20.22 12.98 -0.77
C MET C 23 19.60 13.78 -1.93
N LEU C 24 19.41 13.09 -3.05
CA LEU C 24 18.66 13.64 -4.16
C LEU C 24 17.28 13.03 -4.13
N PRO C 25 16.27 13.85 -4.41
CA PRO C 25 14.92 13.35 -4.60
C PRO C 25 14.93 12.30 -5.68
N HIS C 26 14.20 11.21 -5.45
CA HIS C 26 14.20 10.09 -6.38
C HIS C 26 13.80 10.40 -7.84
N SER C 27 12.90 11.35 -8.03
CA SER C 27 12.47 11.69 -9.37
C SER C 27 13.60 12.43 -10.13
N VAL C 28 14.45 13.15 -9.38
CA VAL C 28 15.61 13.78 -9.96
C VAL C 28 16.61 12.71 -10.42
N LEU C 29 16.79 11.69 -9.59
CA LEU C 29 17.71 10.61 -9.92
C LEU C 29 17.25 9.88 -11.16
N LEU C 30 15.93 9.69 -11.27
CA LEU C 30 15.35 9.01 -12.40
C LEU C 30 15.57 9.77 -13.70
N GLU C 31 15.43 11.08 -13.64
CA GLU C 31 15.65 11.85 -14.86
C GLU C 31 17.12 11.93 -15.25
N ILE C 32 18.01 12.10 -14.28
CA ILE C 32 19.43 12.01 -14.57
C ILE C 32 19.73 10.67 -15.26
N GLN C 33 19.11 9.60 -14.77
CA GLN C 33 19.32 8.30 -15.39
C GLN C 33 18.75 8.18 -16.82
N LYS C 34 17.51 8.59 -16.99
CA LYS C 34 16.81 8.55 -18.28
C LYS C 34 17.62 9.25 -19.40
N GLU C 35 18.24 10.38 -19.08
CA GLU C 35 18.90 11.18 -20.10
C GLU C 35 20.42 11.08 -20.14
N LEU C 36 20.97 10.19 -19.32
CA LEU C 36 22.42 10.15 -19.17
C LEU C 36 23.23 9.93 -20.45
N LEU C 37 22.68 9.19 -21.42
CA LEU C 37 23.48 8.85 -22.61
C LEU C 37 23.25 9.77 -23.79
N ASP C 38 22.11 10.45 -23.79
CA ASP C 38 21.72 11.34 -24.85
C ASP C 38 20.79 12.38 -24.26
N TYR C 39 21.35 13.48 -23.79
CA TYR C 39 20.59 14.53 -23.11
C TYR C 39 19.58 15.17 -24.01
N LYS C 40 18.30 14.88 -23.75
CA LYS C 40 17.22 15.43 -24.55
C LYS C 40 17.53 15.39 -26.04
N GLY C 41 17.77 14.18 -26.58
CA GLY C 41 17.89 13.95 -28.03
C GLY C 41 19.08 14.61 -28.70
N VAL C 42 19.87 15.31 -27.89
CA VAL C 42 20.99 16.14 -28.34
C VAL C 42 22.17 15.35 -28.96
N GLY C 43 22.22 14.04 -28.73
CA GLY C 43 23.31 13.17 -29.19
C GLY C 43 24.57 13.13 -28.32
N ILE C 44 24.45 13.51 -27.05
CA ILE C 44 25.60 13.66 -26.16
C ILE C 44 25.17 13.67 -24.69
N SER C 45 25.97 13.10 -23.81
CA SER C 45 25.69 13.16 -22.37
C SER C 45 26.02 14.54 -21.85
N VAL C 46 25.38 14.95 -20.76
CA VAL C 46 25.76 16.19 -20.08
C VAL C 46 27.18 16.09 -19.52
N LEU C 47 27.63 14.86 -19.23
CA LEU C 47 28.98 14.60 -18.72
C LEU C 47 30.05 14.96 -19.74
N GLU C 48 29.65 14.95 -21.01
CA GLU C 48 30.54 15.12 -22.15
C GLU C 48 30.38 16.49 -22.79
N MET C 49 29.30 17.16 -22.43
CA MET C 49 28.88 18.44 -23.00
C MET C 49 29.92 19.54 -22.76
N SER C 50 30.32 20.24 -23.83
CA SER C 50 31.20 21.37 -23.74
C SER C 50 30.57 22.56 -22.97
N HIS C 51 31.37 23.23 -22.12
CA HIS C 51 30.87 24.37 -21.34
C HIS C 51 30.68 25.59 -22.27
N ARG C 52 31.41 25.56 -23.40
CA ARG C 52 31.26 26.52 -24.45
C ARG C 52 30.00 26.24 -25.28
N SER C 53 29.44 25.05 -25.18
CA SER C 53 28.30 24.70 -26.05
C SER C 53 27.03 25.51 -25.76
N SER C 54 26.21 25.67 -26.79
CA SER C 54 24.93 26.34 -26.65
C SER C 54 23.99 25.50 -25.77
N ASP C 55 24.13 24.18 -25.84
CA ASP C 55 23.29 23.30 -25.02
C ASP C 55 23.55 23.56 -23.58
N PHE C 56 24.82 23.79 -23.26
CA PHE C 56 25.19 24.01 -21.88
C PHE C 56 24.81 25.42 -21.45
N ALA C 57 25.12 26.40 -22.30
CA ALA C 57 24.60 27.76 -22.11
C ALA C 57 23.20 27.75 -21.46
N LYS C 58 22.29 26.98 -22.05
CA LYS C 58 20.91 26.99 -21.59
C LYS C 58 20.80 26.44 -20.17
N ILE C 59 21.47 25.32 -19.90
CA ILE C 59 21.47 24.70 -18.58
C ILE C 59 21.96 25.67 -17.48
N ILE C 60 23.09 26.34 -17.70
CA ILE C 60 23.59 27.27 -16.68
C ILE C 60 22.64 28.45 -16.46
N ASN C 61 22.17 29.02 -17.57
CA ASN C 61 21.13 30.04 -17.52
C ASN C 61 19.95 29.64 -16.69
N ASN C 62 19.42 28.46 -16.99
CA ASN C 62 18.29 27.90 -16.28
C ASN C 62 18.52 27.83 -14.76
N THR C 63 19.66 27.25 -14.35
CA THR C 63 19.97 27.08 -12.93
C THR C 63 20.04 28.44 -12.25
N GLU C 64 20.80 29.37 -12.83
CA GLU C 64 20.91 30.73 -12.29
C GLU C 64 19.53 31.34 -12.09
N ASN C 65 18.68 31.22 -13.09
CA ASN C 65 17.33 31.73 -12.98
C ASN C 65 16.46 31.12 -11.88
N LEU C 66 16.50 29.80 -11.75
CA LEU C 66 15.75 29.14 -10.67
C LEU C 66 16.21 29.66 -9.30
N VAL C 67 17.51 29.97 -9.17
CA VAL C 67 18.07 30.54 -7.93
C VAL C 67 17.45 31.90 -7.63
N ARG C 68 17.64 32.82 -8.57
CA ARG C 68 17.03 34.16 -8.49
C ARG C 68 15.55 34.10 -8.16
N GLU C 69 14.85 33.18 -8.82
CA GLU C 69 13.42 33.10 -8.68
C GLU C 69 13.09 32.54 -7.33
N LEU C 70 13.73 31.44 -6.94
CA LEU C 70 13.38 30.77 -5.69
C LEU C 70 13.73 31.56 -4.41
N LEU C 71 14.80 32.36 -4.43
CA LEU C 71 15.09 33.21 -3.26
C LEU C 71 14.70 34.67 -3.43
N ALA C 72 14.05 34.99 -4.55
CA ALA C 72 13.77 36.37 -4.94
C ALA C 72 15.04 37.24 -4.82
N VAL C 73 16.12 36.82 -5.46
CA VAL C 73 17.35 37.60 -5.55
C VAL C 73 17.08 38.87 -6.36
N PRO C 74 17.34 40.07 -5.77
CA PRO C 74 17.22 41.33 -6.52
C PRO C 74 18.23 41.41 -7.66
N ASP C 75 18.02 42.36 -8.57
CA ASP C 75 18.86 42.47 -9.77
C ASP C 75 20.24 43.05 -9.53
N ASN C 76 20.44 43.68 -8.38
CA ASN C 76 21.74 44.25 -8.06
C ASN C 76 22.62 43.18 -7.40
N TYR C 77 22.22 41.92 -7.53
CA TYR C 77 23.07 40.83 -7.05
C TYR C 77 23.47 39.94 -8.19
N LYS C 78 24.71 39.51 -8.18
CA LYS C 78 25.19 38.56 -9.15
C LYS C 78 25.00 37.15 -8.59
N VAL C 79 24.67 36.21 -9.46
CA VAL C 79 24.51 34.83 -9.05
C VAL C 79 25.56 34.00 -9.80
N ILE C 80 26.47 33.38 -9.05
CA ILE C 80 27.55 32.64 -9.68
C ILE C 80 27.80 31.29 -9.07
N PHE C 81 28.37 30.42 -9.89
CA PHE C 81 28.72 29.06 -9.48
C PHE C 81 30.22 28.89 -9.50
N LEU C 82 30.82 28.73 -8.32
CA LEU C 82 32.24 28.43 -8.28
C LEU C 82 32.48 27.00 -7.87
N GLN C 83 33.66 26.50 -8.22
CA GLN C 83 34.19 25.27 -7.64
C GLN C 83 34.85 25.56 -6.28
N GLY C 84 35.18 24.50 -5.54
CA GLY C 84 35.92 24.65 -4.29
C GLY C 84 35.13 24.07 -3.14
N GLY C 85 33.79 24.15 -3.23
CA GLY C 85 32.89 23.79 -2.13
C GLY C 85 32.85 24.92 -1.11
N GLY C 86 32.08 24.71 -0.04
CA GLY C 86 32.02 25.63 1.09
C GLY C 86 33.36 26.15 1.59
N CYS C 87 34.30 25.24 1.86
CA CYS C 87 35.64 25.62 2.32
C CYS C 87 36.38 26.45 1.31
N GLY C 88 36.15 26.15 0.04
CA GLY C 88 36.72 26.94 -1.05
C GLY C 88 36.40 28.41 -0.84
N GLN C 89 35.27 28.68 -0.18
CA GLN C 89 34.81 30.05 0.08
C GLN C 89 35.32 30.59 1.41
N PHE C 90 35.84 29.72 2.27
CA PHE C 90 36.41 30.17 3.53
C PHE C 90 37.61 31.01 3.16
N SER C 91 38.13 30.78 1.96
CA SER C 91 39.25 31.53 1.42
C SER C 91 38.85 32.59 0.42
N ALA C 92 37.77 32.36 -0.33
CA ALA C 92 37.39 33.31 -1.39
C ALA C 92 36.71 34.54 -0.82
N VAL C 93 35.93 34.35 0.23
CA VAL C 93 35.33 35.49 0.96
C VAL C 93 36.38 36.54 1.39
N PRO C 94 37.38 36.14 2.22
CA PRO C 94 38.46 37.07 2.55
C PRO C 94 39.18 37.62 1.32
N LEU C 95 39.54 36.74 0.37
CA LEU C 95 40.32 37.15 -0.80
C LEU C 95 39.61 38.18 -1.65
N ASN C 96 38.28 38.12 -1.63
CA ASN C 96 37.43 39.08 -2.36
C ASN C 96 37.03 40.32 -1.55
N LEU C 97 36.93 40.17 -0.23
CA LEU C 97 36.29 41.20 0.60
C LEU C 97 37.14 41.85 1.67
N ILE C 98 38.12 41.11 2.21
CA ILE C 98 38.94 41.68 3.29
C ILE C 98 39.59 42.99 2.87
N GLY C 99 39.75 43.19 1.56
CA GLY C 99 40.32 44.43 1.00
C GLY C 99 39.37 45.61 0.92
N LEU C 100 38.09 45.37 1.29
CA LEU C 100 37.04 46.41 1.31
C LEU C 100 37.36 47.67 2.12
N LYS C 101 38.12 47.50 3.20
CA LYS C 101 38.58 48.61 4.05
C LYS C 101 40.05 48.40 4.46
N ALA C 102 40.80 49.50 4.46
CA ALA C 102 42.26 49.50 4.63
C ALA C 102 42.80 48.58 5.71
N GLY C 103 42.14 48.58 6.87
CA GLY C 103 42.59 47.80 8.03
C GLY C 103 42.73 46.32 7.76
N ARG C 104 42.09 45.87 6.68
CA ARG C 104 42.03 44.45 6.32
C ARG C 104 41.57 43.56 7.48
N CYS C 105 40.37 43.83 7.99
CA CYS C 105 39.82 43.06 9.11
C CYS C 105 38.44 42.53 8.80
N ALA C 106 38.08 41.44 9.48
CA ALA C 106 36.70 40.99 9.48
C ALA C 106 36.28 40.57 10.87
N ASP C 107 34.97 40.62 11.11
CA ASP C 107 34.39 40.14 12.34
C ASP C 107 33.78 38.78 12.06
N TYR C 108 34.01 37.83 12.96
CA TYR C 108 33.52 36.49 12.78
C TYR C 108 32.69 36.08 13.97
N VAL C 109 31.53 35.52 13.67
CA VAL C 109 30.64 35.01 14.66
C VAL C 109 30.80 33.49 14.65
N VAL C 110 31.43 32.95 15.68
CA VAL C 110 31.63 31.51 15.72
C VAL C 110 30.58 30.79 16.59
N THR C 111 29.73 30.00 15.93
CA THR C 111 28.64 29.26 16.59
C THR C 111 28.76 27.76 16.36
N GLY C 112 29.91 27.33 15.88
CA GLY C 112 30.14 25.92 15.57
C GLY C 112 31.41 25.65 14.80
N ALA C 113 31.54 24.42 14.31
CA ALA C 113 32.74 23.98 13.57
C ALA C 113 32.97 24.76 12.28
N TRP C 114 31.93 24.92 11.47
CA TRP C 114 32.11 25.51 10.16
C TRP C 114 32.54 26.96 10.21
N SER C 115 31.94 27.73 11.10
CA SER C 115 32.34 29.13 11.33
C SER C 115 33.75 29.20 11.95
N ALA C 116 34.02 28.33 12.92
CA ALA C 116 35.35 28.26 13.57
C ALA C 116 36.47 28.06 12.55
N LYS C 117 36.27 27.10 11.62
CA LYS C 117 37.19 26.84 10.49
C LYS C 117 37.33 28.03 9.56
N ALA C 118 36.19 28.61 9.17
CA ALA C 118 36.13 29.82 8.35
C ALA C 118 36.94 30.96 8.94
N ALA C 119 36.76 31.18 10.24
CA ALA C 119 37.48 32.23 10.97
C ALA C 119 39.00 32.01 10.90
N GLU C 120 39.41 30.79 11.26
CA GLU C 120 40.82 30.42 11.24
C GLU C 120 41.38 30.58 9.83
N GLU C 121 40.73 29.96 8.84
CA GLU C 121 41.06 30.16 7.42
C GLU C 121 41.34 31.64 7.09
N ALA C 122 40.43 32.52 7.52
CA ALA C 122 40.50 33.94 7.18
C ALA C 122 41.73 34.65 7.76
N LYS C 123 42.38 34.03 8.74
CA LYS C 123 43.56 34.64 9.36
C LYS C 123 44.73 34.71 8.38
N LYS C 124 44.61 33.94 7.30
CA LYS C 124 45.62 33.93 6.25
C LYS C 124 45.75 35.26 5.51
N PHE C 125 44.67 36.03 5.45
CA PHE C 125 44.60 37.19 4.56
C PHE C 125 44.47 38.57 5.22
N GLY C 126 44.11 38.55 6.50
CA GLY C 126 44.07 39.78 7.31
C GLY C 126 43.87 39.51 8.80
N THR C 127 43.54 40.58 9.55
CA THR C 127 43.23 40.45 10.98
C THR C 127 41.75 40.12 11.24
N ILE C 128 41.55 39.08 12.03
CA ILE C 128 40.23 38.49 12.23
C ILE C 128 39.83 38.62 13.69
N ASN C 129 38.62 39.12 13.93
CA ASN C 129 38.08 39.16 15.29
C ASN C 129 36.82 38.35 15.53
N ILE C 130 36.90 37.43 16.48
CA ILE C 130 35.72 36.73 16.98
C ILE C 130 35.00 37.70 17.89
N VAL C 131 33.73 37.95 17.55
CA VAL C 131 33.02 39.12 18.05
C VAL C 131 32.55 38.97 19.50
N HIS C 132 32.54 37.75 20.00
CA HIS C 132 31.98 37.46 21.31
C HIS C 132 33.02 36.62 22.03
N PRO C 133 32.89 36.47 23.37
CA PRO C 133 33.63 35.44 24.10
C PRO C 133 33.46 34.07 23.40
N LYS C 134 34.56 33.33 23.31
CA LYS C 134 34.55 32.00 22.72
C LYS C 134 33.74 31.03 23.58
N LEU C 135 32.79 30.33 22.95
CA LEU C 135 31.87 29.44 23.65
C LEU C 135 32.61 28.25 24.29
N GLY C 136 32.20 27.86 25.50
CA GLY C 136 32.61 26.59 26.10
C GLY C 136 32.11 25.40 25.28
N SER C 137 30.88 25.52 24.78
CA SER C 137 30.33 24.53 23.90
C SER C 137 29.29 25.20 23.00
N TYR C 138 29.29 24.78 21.74
CA TYR C 138 28.44 25.37 20.72
C TYR C 138 26.98 24.94 20.88
N THR C 139 26.28 25.62 21.79
CA THR C 139 24.90 25.27 22.09
C THR C 139 23.97 26.48 22.03
N LYS C 140 24.45 27.56 21.42
CA LYS C 140 23.90 28.91 21.61
C LYS C 140 24.42 29.90 20.55
N ILE C 141 23.54 30.77 20.08
CA ILE C 141 23.99 31.95 19.38
C ILE C 141 24.15 33.09 20.41
N PRO C 142 25.40 33.56 20.64
CA PRO C 142 25.63 34.73 21.51
C PRO C 142 24.73 35.88 21.08
N ASP C 143 24.14 36.58 22.05
CA ASP C 143 23.18 37.64 21.72
C ASP C 143 23.81 38.73 20.87
N PRO C 144 23.17 39.08 19.74
CA PRO C 144 23.68 40.10 18.82
C PRO C 144 24.08 41.38 19.56
N SER C 145 23.27 41.78 20.54
CA SER C 145 23.53 43.02 21.31
C SER C 145 24.66 42.88 22.33
N THR C 146 25.42 41.79 22.25
CA THR C 146 26.64 41.66 23.02
C THR C 146 27.86 41.37 22.12
N TRP C 147 27.62 41.14 20.83
CA TRP C 147 28.70 41.05 19.86
C TRP C 147 29.41 42.39 19.78
N ASN C 148 30.67 42.38 20.19
CA ASN C 148 31.55 43.52 20.11
C ASN C 148 31.99 43.82 18.65
N LEU C 149 31.06 44.26 17.79
CA LEU C 149 31.34 44.57 16.37
C LEU C 149 32.47 45.58 16.17
N ASN C 150 33.08 45.62 14.99
CA ASN C 150 34.08 46.67 14.72
C ASN C 150 33.86 47.54 13.47
N PRO C 151 33.67 48.86 13.65
CA PRO C 151 33.43 49.80 12.55
C PRO C 151 34.42 49.68 11.39
N ASP C 152 35.67 49.29 11.69
CA ASP C 152 36.73 49.16 10.68
C ASP C 152 36.73 47.81 9.94
N ALA C 153 35.99 46.84 10.48
CA ALA C 153 35.91 45.52 9.87
C ALA C 153 35.34 45.61 8.45
N SER C 154 36.00 44.93 7.51
CA SER C 154 35.61 44.97 6.09
C SER C 154 34.30 44.23 5.83
N TYR C 155 33.97 43.27 6.71
CA TYR C 155 32.68 42.58 6.69
C TYR C 155 32.46 41.83 8.01
N VAL C 156 31.21 41.38 8.21
CA VAL C 156 30.84 40.50 9.33
C VAL C 156 30.39 39.15 8.75
N TYR C 157 30.76 38.06 9.43
CA TYR C 157 30.58 36.71 8.91
C TYR C 157 29.93 35.82 9.95
N TYR C 158 29.06 34.92 9.46
CA TYR C 158 28.46 33.86 10.26
C TYR C 158 28.00 32.64 9.45
N CYS C 159 27.74 31.56 10.17
CA CYS C 159 27.25 30.37 9.58
C CYS C 159 25.77 30.22 9.93
N ALA C 160 24.91 30.12 8.93
CA ALA C 160 23.44 30.04 9.18
C ALA C 160 23.01 28.82 9.98
N ASN C 161 23.70 27.70 9.79
CA ASN C 161 23.30 26.40 10.35
C ASN C 161 24.56 25.56 10.55
N GLU C 162 24.93 25.36 11.81
CA GLU C 162 26.12 24.58 12.14
C GLU C 162 25.81 23.07 12.18
N THR C 163 26.10 22.42 11.05
CA THR C 163 25.76 21.03 10.77
C THR C 163 26.07 20.08 11.93
N VAL C 164 27.27 20.23 12.49
CA VAL C 164 27.75 19.26 13.44
C VAL C 164 27.10 19.48 14.80
N HIS C 165 26.85 20.75 15.12
CA HIS C 165 26.40 21.15 16.46
C HIS C 165 24.90 21.48 16.58
N GLY C 166 24.18 21.54 15.45
CA GLY C 166 22.73 21.76 15.44
C GLY C 166 22.28 23.16 15.87
N VAL C 167 23.08 24.18 15.55
CA VAL C 167 22.80 25.57 15.90
C VAL C 167 22.43 26.38 14.63
N GLU C 168 21.25 26.99 14.60
CA GLU C 168 20.77 27.65 13.39
C GLU C 168 20.28 29.07 13.68
N PHE C 169 20.66 30.02 12.82
CA PHE C 169 20.13 31.40 12.95
C PHE C 169 18.75 31.39 12.33
N ASP C 170 17.75 31.84 13.10
CA ASP C 170 16.39 31.98 12.58
C ASP C 170 16.00 33.46 12.39
N PHE C 171 17.02 34.29 12.21
CA PHE C 171 16.90 35.74 12.10
C PHE C 171 18.15 36.26 11.37
N ILE C 172 18.07 37.47 10.83
CA ILE C 172 19.24 38.07 10.24
C ILE C 172 19.83 39.03 11.26
N PRO C 173 21.06 38.76 11.74
CA PRO C 173 21.67 39.59 12.79
C PRO C 173 21.81 41.04 12.38
N ASP C 174 21.65 41.95 13.33
CA ASP C 174 21.77 43.36 13.02
C ASP C 174 23.23 43.77 12.86
N VAL C 175 23.70 43.89 11.62
CA VAL C 175 25.13 44.26 11.39
C VAL C 175 25.48 45.72 11.60
N LYS C 176 24.49 46.53 11.98
CA LYS C 176 24.65 47.98 12.12
C LYS C 176 25.19 48.57 10.80
N GLY C 177 24.67 48.05 9.68
CA GLY C 177 25.03 48.56 8.35
C GLY C 177 26.21 47.87 7.67
N ALA C 178 26.95 47.03 8.40
CA ALA C 178 28.17 46.39 7.86
C ALA C 178 27.87 45.46 6.70
N VAL C 179 28.88 45.19 5.88
CA VAL C 179 28.78 44.14 4.84
C VAL C 179 28.62 42.78 5.52
N LEU C 180 27.52 42.10 5.22
CA LEU C 180 27.17 40.88 5.92
C LEU C 180 27.39 39.69 5.02
N VAL C 181 28.20 38.75 5.50
CA VAL C 181 28.53 37.52 4.78
C VAL C 181 27.93 36.30 5.51
N CYS C 182 27.36 35.37 4.76
CA CYS C 182 26.71 34.23 5.38
C CYS C 182 26.93 32.90 4.67
N ASP C 183 27.42 31.92 5.42
CA ASP C 183 27.51 30.54 4.94
C ASP C 183 26.15 29.83 5.11
N MET C 184 25.42 29.65 4.02
CA MET C 184 24.12 29.00 4.07
C MET C 184 24.11 27.60 3.50
N SER C 185 25.30 27.04 3.28
CA SER C 185 25.48 25.65 2.80
C SER C 185 24.45 24.64 3.30
N SER C 186 24.32 24.46 4.60
CA SER C 186 23.52 23.33 5.10
C SER C 186 22.02 23.57 5.27
N ASN C 187 21.55 24.78 4.99
CA ASN C 187 20.11 25.07 5.00
C ASN C 187 19.65 25.92 3.82
N PHE C 188 20.52 26.05 2.83
CA PHE C 188 20.22 26.77 1.60
C PHE C 188 18.95 26.21 1.00
N LEU C 189 17.98 27.09 0.78
CA LEU C 189 16.73 26.76 0.11
C LEU C 189 15.80 25.84 0.90
N SER C 190 16.08 25.74 2.20
CA SER C 190 15.17 25.13 3.15
C SER C 190 14.09 26.14 3.58
N LYS C 191 14.38 27.43 3.37
CA LYS C 191 13.43 28.51 3.70
C LYS C 191 13.67 29.78 2.84
N PRO C 192 12.69 30.73 2.82
CA PRO C 192 12.86 32.05 2.16
C PRO C 192 13.98 32.89 2.76
N VAL C 193 14.68 33.65 1.92
CA VAL C 193 15.80 34.50 2.37
C VAL C 193 15.68 35.89 1.79
N ASP C 194 15.61 36.89 2.67
CA ASP C 194 15.70 38.28 2.23
C ASP C 194 17.14 38.61 1.87
N VAL C 195 17.46 38.41 0.60
CA VAL C 195 18.81 38.55 0.09
C VAL C 195 19.35 39.98 0.28
N SER C 196 18.48 40.97 0.12
CA SER C 196 18.86 42.40 0.15
C SER C 196 19.62 42.82 1.41
N LYS C 197 19.53 41.98 2.44
CA LYS C 197 20.19 42.18 3.71
C LYS C 197 21.69 41.84 3.66
N PHE C 198 22.12 41.12 2.64
CA PHE C 198 23.47 40.56 2.64
C PHE C 198 24.43 41.20 1.64
N GLY C 199 25.73 41.15 1.96
CA GLY C 199 26.78 41.40 0.98
C GLY C 199 26.94 40.14 0.13
N VAL C 200 27.21 39.02 0.81
CA VAL C 200 27.41 37.74 0.15
C VAL C 200 26.70 36.64 0.90
N ILE C 201 26.05 35.76 0.14
CA ILE C 201 25.53 34.51 0.64
C ILE C 201 26.22 33.47 -0.20
N PHE C 202 26.75 32.42 0.43
CA PHE C 202 27.24 31.26 -0.33
C PHE C 202 26.76 29.96 0.27
N ALA C 203 26.65 28.97 -0.60
CA ALA C 203 26.25 27.64 -0.20
C ALA C 203 26.86 26.59 -1.12
N GLY C 204 27.52 25.61 -0.51
CA GLY C 204 27.94 24.43 -1.24
C GLY C 204 26.71 23.59 -1.49
N ALA C 205 26.49 23.27 -2.75
CA ALA C 205 25.32 22.54 -3.23
C ALA C 205 25.08 21.20 -2.58
N GLN C 206 26.14 20.51 -2.15
CA GLN C 206 26.00 19.12 -1.73
C GLN C 206 25.14 18.92 -0.46
N LYS C 207 25.10 19.92 0.41
CA LYS C 207 24.46 19.79 1.72
C LYS C 207 22.94 19.59 1.69
N ASN C 208 22.24 20.51 1.02
CA ASN C 208 20.79 20.51 1.05
C ASN C 208 20.18 20.54 -0.34
N VAL C 209 20.97 20.85 -1.36
CA VAL C 209 20.39 21.35 -2.61
C VAL C 209 20.93 20.68 -3.86
N GLY C 210 21.60 19.53 -3.70
CA GLY C 210 22.03 18.83 -4.90
C GLY C 210 23.24 17.95 -4.77
N SER C 211 24.33 18.33 -5.46
CA SER C 211 25.49 17.45 -5.54
C SER C 211 26.77 18.26 -5.49
N ALA C 212 27.81 17.63 -4.97
CA ALA C 212 29.12 18.27 -4.77
C ALA C 212 29.70 18.76 -6.10
N GLY C 213 30.80 19.51 -6.03
CA GLY C 213 31.40 20.06 -7.26
C GLY C 213 31.08 21.53 -7.51
N VAL C 214 29.83 21.92 -7.26
CA VAL C 214 29.40 23.32 -7.45
C VAL C 214 29.03 24.04 -6.15
N THR C 215 29.43 25.30 -6.08
CA THR C 215 29.04 26.20 -5.02
C THR C 215 28.40 27.45 -5.63
N VAL C 216 27.16 27.74 -5.24
CA VAL C 216 26.51 28.99 -5.61
C VAL C 216 26.94 30.11 -4.65
N VAL C 217 27.19 31.28 -5.23
CA VAL C 217 27.58 32.47 -4.50
C VAL C 217 26.74 33.62 -5.05
N ILE C 218 26.03 34.31 -4.16
CA ILE C 218 25.15 35.44 -4.53
C ILE C 218 25.77 36.71 -3.92
N VAL C 219 26.19 37.63 -4.80
CA VAL C 219 27.06 38.75 -4.40
C VAL C 219 26.43 40.07 -4.83
N ARG C 220 26.42 41.04 -3.91
CA ARG C 220 25.91 42.37 -4.24
C ARG C 220 26.90 43.09 -5.16
N ASP C 221 26.40 43.50 -6.32
CA ASP C 221 27.25 43.85 -7.48
C ASP C 221 28.19 45.07 -7.32
N ASP C 222 28.11 45.75 -6.18
CA ASP C 222 29.03 46.82 -5.86
C ASP C 222 30.21 46.31 -5.03
N LEU C 223 30.14 45.02 -4.66
CA LEU C 223 31.20 44.40 -3.88
C LEU C 223 32.23 43.66 -4.72
N LEU C 224 31.98 43.55 -6.02
CA LEU C 224 32.97 42.96 -6.91
C LEU C 224 33.94 44.09 -7.22
N GLY C 225 35.24 43.84 -7.10
CA GLY C 225 36.24 44.88 -7.39
C GLY C 225 37.19 45.23 -6.25
N PHE C 226 37.25 44.34 -5.26
CA PHE C 226 38.06 44.54 -4.06
C PHE C 226 38.91 43.32 -3.74
N ALA C 227 39.05 42.43 -4.72
CA ALA C 227 39.78 41.19 -4.52
C ALA C 227 41.26 41.49 -4.41
N LEU C 228 41.91 40.79 -3.48
CA LEU C 228 43.35 40.90 -3.31
C LEU C 228 44.10 40.38 -4.53
N ARG C 229 45.27 40.94 -4.80
CA ARG C 229 46.18 40.42 -5.81
C ARG C 229 46.32 38.88 -5.77
N GLU C 230 46.32 38.30 -4.56
CA GLU C 230 46.61 36.88 -4.42
C GLU C 230 45.41 36.00 -4.67
N CYS C 231 44.26 36.62 -4.96
CA CYS C 231 43.06 35.84 -5.22
C CYS C 231 43.16 35.08 -6.54
N PRO C 232 43.17 33.73 -6.51
CA PRO C 232 43.18 32.97 -7.77
C PRO C 232 41.95 33.30 -8.62
N SER C 233 42.18 33.58 -9.92
CA SER C 233 41.11 33.95 -10.85
C SER C 233 39.82 33.10 -10.71
N VAL C 234 39.98 31.79 -10.58
CA VAL C 234 38.85 30.89 -10.42
C VAL C 234 38.08 31.17 -9.14
N LEU C 235 38.70 31.86 -8.19
CA LEU C 235 37.99 32.20 -6.95
C LEU C 235 37.51 33.65 -6.85
N GLU C 236 37.92 34.48 -7.81
CA GLU C 236 37.56 35.90 -7.78
C GLU C 236 36.17 36.14 -8.34
N TYR C 237 35.23 36.56 -7.48
CA TYR C 237 33.85 36.84 -7.92
C TYR C 237 33.79 37.76 -9.13
N LYS C 238 34.57 38.84 -9.13
CA LYS C 238 34.58 39.79 -10.24
C LYS C 238 34.84 39.12 -11.60
N VAL C 239 35.78 38.17 -11.63
CA VAL C 239 36.17 37.47 -12.86
C VAL C 239 35.06 36.55 -13.30
N GLN C 240 34.52 35.83 -12.33
CA GLN C 240 33.62 34.76 -12.61
C GLN C 240 32.19 35.26 -12.81
N ALA C 241 31.95 36.52 -12.47
CA ALA C 241 30.63 37.11 -12.65
C ALA C 241 30.61 37.70 -14.04
N GLY C 242 31.78 38.18 -14.46
CA GLY C 242 31.93 38.83 -15.76
C GLY C 242 32.09 37.84 -16.90
N ASN C 243 32.01 36.55 -16.58
CA ASN C 243 32.01 35.51 -17.60
C ASN C 243 30.92 34.46 -17.37
N SER C 244 29.89 34.85 -16.61
CA SER C 244 28.81 33.94 -16.20
C SER C 244 29.33 32.55 -15.74
N SER C 245 30.33 32.56 -14.83
CA SER C 245 30.95 31.32 -14.32
C SER C 245 31.61 30.44 -15.43
N LEU C 246 31.86 31.07 -16.58
CA LEU C 246 32.53 30.46 -17.74
C LEU C 246 33.78 31.26 -18.06
N TYR C 247 34.63 31.45 -17.05
CA TYR C 247 35.97 31.97 -17.26
C TYR C 247 36.87 30.76 -17.56
N ASN C 248 36.57 29.68 -16.84
CA ASN C 248 37.14 28.38 -17.03
C ASN C 248 35.97 27.40 -16.97
N THR C 249 36.25 26.12 -17.18
CA THR C 249 35.21 25.11 -17.22
C THR C 249 34.51 24.98 -15.84
N PRO C 250 33.25 25.47 -15.73
CA PRO C 250 32.49 25.24 -14.49
C PRO C 250 32.11 23.77 -14.38
N PRO C 251 31.65 23.34 -13.20
CA PRO C 251 31.39 21.90 -13.19
C PRO C 251 30.00 21.60 -13.78
N CYS C 252 29.94 21.19 -15.05
CA CYS C 252 28.67 21.19 -15.81
C CYS C 252 27.61 20.21 -15.36
N PHE C 253 28.04 19.03 -14.98
CA PHE C 253 27.09 18.05 -14.49
C PHE C 253 26.48 18.52 -13.16
N SER C 254 27.34 19.04 -12.29
CA SER C 254 26.95 19.67 -11.03
C SER C 254 25.85 20.71 -11.22
N ILE C 255 26.09 21.65 -12.12
CA ILE C 255 25.15 22.70 -12.40
C ILE C 255 23.83 22.09 -12.89
N TYR C 256 23.93 21.04 -13.70
CA TYR C 256 22.75 20.39 -14.30
C TYR C 256 21.90 19.66 -13.25
N VAL C 257 22.57 18.94 -12.35
CA VAL C 257 21.94 18.23 -11.27
C VAL C 257 21.33 19.22 -10.27
N MET C 258 22.02 20.33 -10.04
CA MET C 258 21.48 21.32 -9.11
C MET C 258 20.26 22.03 -9.72
N GLY C 259 20.31 22.22 -11.04
CA GLY C 259 19.19 22.79 -11.76
C GLY C 259 17.95 21.95 -11.55
N LEU C 260 18.11 20.63 -11.71
CA LEU C 260 16.97 19.71 -11.66
C LEU C 260 16.36 19.72 -10.27
N VAL C 261 17.22 19.74 -9.24
CA VAL C 261 16.77 19.78 -7.85
C VAL C 261 15.98 21.04 -7.58
N LEU C 262 16.50 22.17 -8.08
CA LEU C 262 15.84 23.45 -7.96
C LEU C 262 14.52 23.47 -8.72
N GLU C 263 14.46 22.69 -9.79
CA GLU C 263 13.22 22.52 -10.51
C GLU C 263 12.25 21.82 -9.57
N TRP C 264 12.79 20.89 -8.78
CA TRP C 264 11.98 20.01 -7.94
C TRP C 264 11.44 20.85 -6.79
N ILE C 265 12.27 21.75 -6.28
CA ILE C 265 11.87 22.60 -5.17
C ILE C 265 10.74 23.52 -5.64
N LYS C 266 10.93 24.16 -6.79
CA LYS C 266 9.89 24.97 -7.40
C LYS C 266 8.56 24.18 -7.53
N ASN C 267 8.65 22.92 -7.92
CA ASN C 267 7.45 22.12 -8.19
C ASN C 267 6.73 21.64 -6.95
N ASN C 268 7.43 21.77 -5.82
CA ASN C 268 6.89 21.40 -4.54
C ASN C 268 6.37 22.62 -3.83
N GLY C 269 6.40 23.77 -4.52
CA GLY C 269 5.92 25.03 -3.99
C GLY C 269 7.00 25.94 -3.45
N GLY C 270 8.27 25.66 -3.78
CA GLY C 270 9.35 26.62 -3.51
C GLY C 270 9.85 26.69 -2.07
N ALA C 271 10.56 27.76 -1.75
CA ALA C 271 11.26 27.89 -0.47
C ALA C 271 10.30 27.81 0.71
N ALA C 272 9.13 28.42 0.55
CA ALA C 272 8.13 28.45 1.60
C ALA C 272 7.59 27.04 1.81
N ALA C 273 7.53 26.28 0.72
CA ALA C 273 7.13 24.90 0.80
C ALA C 273 8.17 24.10 1.59
N MET C 274 9.45 24.27 1.23
CA MET C 274 10.56 23.58 1.92
C MET C 274 10.56 23.91 3.40
N GLU C 275 10.15 25.14 3.74
CA GLU C 275 10.11 25.57 5.12
C GLU C 275 9.02 24.84 5.92
N LYS C 276 7.86 24.67 5.30
CA LYS C 276 6.80 23.89 5.91
C LYS C 276 7.27 22.46 6.17
N LEU C 277 7.89 21.83 5.17
CA LEU C 277 8.37 20.47 5.36
C LEU C 277 9.33 20.38 6.55
N SER C 278 10.37 21.23 6.54
CA SER C 278 11.39 21.28 7.61
C SER C 278 10.75 21.40 8.98
N SER C 279 9.74 22.26 9.07
CA SER C 279 9.01 22.42 10.30
C SER C 279 8.40 21.09 10.71
N ILE C 280 7.65 20.47 9.80
CA ILE C 280 7.01 19.20 10.09
C ILE C 280 8.09 18.23 10.57
N LYS C 281 9.08 17.97 9.72
CA LYS C 281 10.19 17.04 10.04
C LYS C 281 10.82 17.33 11.41
N SER C 282 11.48 18.49 11.55
CA SER C 282 12.17 18.83 12.81
C SER C 282 11.25 18.86 14.03
N GLN C 283 9.98 19.18 13.85
CA GLN C 283 9.09 19.25 15.01
C GLN C 283 8.77 17.85 15.55
N THR C 284 8.68 16.88 14.65
CA THR C 284 8.43 15.47 15.01
C THR C 284 9.52 14.91 15.94
N ILE C 285 10.78 15.09 15.54
CA ILE C 285 11.94 14.64 16.31
C ILE C 285 12.09 15.37 17.65
N TYR C 286 11.99 16.70 17.64
CA TYR C 286 12.08 17.45 18.87
C TYR C 286 10.95 17.08 19.82
N GLU C 287 9.76 16.81 19.27
CA GLU C 287 8.59 16.47 20.09
C GLU C 287 8.92 15.22 20.91
N ILE C 288 9.55 14.25 20.25
CA ILE C 288 10.06 13.09 20.95
C ILE C 288 11.16 13.43 21.98
N ILE C 289 12.27 14.06 21.55
CA ILE C 289 13.33 14.44 22.50
C ILE C 289 12.74 15.16 23.72
N ASP C 290 11.99 16.21 23.45
CA ASP C 290 11.42 17.03 24.49
C ASP C 290 10.50 16.31 25.46
N ASN C 291 9.87 15.24 25.01
CA ASN C 291 9.00 14.46 25.91
C ASN C 291 9.65 13.19 26.48
N SER C 292 10.92 12.97 26.14
CA SER C 292 11.64 11.77 26.55
C SER C 292 12.10 11.74 28.00
N GLN C 293 11.68 12.73 28.77
CA GLN C 293 12.01 12.80 30.19
C GLN C 293 13.47 12.54 30.44
N GLY C 294 14.33 13.32 29.77
CA GLY C 294 15.80 13.23 29.92
C GLY C 294 16.48 12.05 29.26
N PHE C 295 15.73 11.16 28.62
CA PHE C 295 16.32 10.00 27.96
C PHE C 295 17.09 10.38 26.68
N TYR C 296 16.46 11.24 25.86
CA TYR C 296 17.13 11.92 24.74
C TYR C 296 17.44 13.33 25.18
N VAL C 297 18.71 13.68 25.18
CA VAL C 297 19.07 15.01 25.55
C VAL C 297 19.71 15.71 24.37
N CYS C 298 19.02 16.74 23.90
CA CYS C 298 19.56 17.59 22.88
C CYS C 298 20.25 18.80 23.56
N PRO C 299 21.55 19.04 23.24
CA PRO C 299 22.41 20.08 23.86
C PRO C 299 22.06 21.55 23.54
N VAL C 300 21.50 21.79 22.36
CA VAL C 300 21.27 23.16 21.89
C VAL C 300 20.08 23.82 22.59
N GLU C 301 20.25 25.07 23.04
CA GLU C 301 19.12 25.83 23.58
C GLU C 301 17.97 25.97 22.56
N PRO C 302 16.72 25.82 23.01
CA PRO C 302 15.59 25.68 22.08
C PRO C 302 15.40 26.82 21.08
N GLN C 303 15.87 28.01 21.45
CA GLN C 303 15.80 29.16 20.56
C GLN C 303 16.74 29.04 19.34
N ASN C 304 17.85 28.32 19.50
CA ASN C 304 18.80 28.17 18.41
C ASN C 304 18.85 26.77 17.80
N ARG C 305 17.84 25.95 18.06
CA ARG C 305 17.76 24.58 17.51
C ARG C 305 17.66 24.53 15.99
N SER C 306 18.51 23.71 15.38
CA SER C 306 18.51 23.51 13.92
C SER C 306 17.29 22.74 13.42
N LYS C 307 16.80 23.14 12.25
CA LYS C 307 15.74 22.37 11.62
C LYS C 307 16.37 21.32 10.71
N MET C 308 17.65 21.47 10.41
CA MET C 308 18.33 20.54 9.50
C MET C 308 19.03 19.39 10.20
N ASN C 309 19.60 19.67 11.35
CA ASN C 309 20.50 18.72 12.01
C ASN C 309 20.18 18.70 13.48
N ILE C 310 19.78 17.54 13.96
CA ILE C 310 19.38 17.39 15.37
C ILE C 310 20.36 16.46 16.10
N PRO C 311 21.32 17.04 16.84
CA PRO C 311 22.24 16.21 17.60
C PRO C 311 21.68 15.94 19.00
N PHE C 312 21.71 14.70 19.43
CA PHE C 312 21.28 14.38 20.78
C PHE C 312 22.08 13.24 21.40
N ARG C 313 22.09 13.18 22.72
CA ARG C 313 22.75 12.12 23.43
C ARG C 313 21.68 11.26 24.06
N ILE C 314 22.06 10.05 24.47
CA ILE C 314 21.09 9.15 25.10
C ILE C 314 21.44 8.86 26.55
N GLY C 315 20.41 8.80 27.39
CA GLY C 315 20.57 8.44 28.80
C GLY C 315 20.73 9.67 29.66
N ASN C 316 21.69 10.51 29.29
CA ASN C 316 21.97 11.77 29.99
C ASN C 316 22.74 12.71 29.06
N ALA C 317 22.85 13.97 29.46
CA ALA C 317 23.48 14.98 28.60
C ALA C 317 24.94 14.68 28.25
N LYS C 318 25.67 13.97 29.13
CA LYS C 318 27.03 13.55 28.80
C LYS C 318 27.01 12.34 27.85
N GLY C 319 25.84 11.74 27.67
CA GLY C 319 25.69 10.62 26.77
C GLY C 319 26.07 9.29 27.41
N ASP C 320 25.38 8.25 26.98
CA ASP C 320 25.61 6.89 27.47
C ASP C 320 26.12 6.06 26.32
N ASP C 321 27.36 5.62 26.45
CA ASP C 321 28.05 5.02 25.32
C ASP C 321 27.40 3.74 24.86
N ALA C 322 27.07 2.87 25.80
CA ALA C 322 26.43 1.60 25.48
C ALA C 322 25.08 1.83 24.79
N LEU C 323 24.26 2.68 25.40
CA LEU C 323 22.92 2.98 24.85
C LEU C 323 22.98 3.60 23.46
N GLU C 324 23.94 4.52 23.26
CA GLU C 324 24.12 5.17 21.96
C GLU C 324 24.54 4.15 20.91
N LYS C 325 25.49 3.30 21.33
CA LYS C 325 25.91 2.20 20.50
C LYS C 325 24.70 1.36 20.13
N ARG C 326 23.94 0.96 21.15
CA ARG C 326 22.75 0.13 20.95
C ARG C 326 21.77 0.78 19.98
N PHE C 327 21.56 2.08 20.12
CA PHE C 327 20.65 2.80 19.25
C PHE C 327 21.06 2.67 17.78
N LEU C 328 22.35 2.90 17.52
CA LEU C 328 22.89 2.87 16.18
C LEU C 328 22.81 1.45 15.63
N ASP C 329 23.25 0.48 16.42
CA ASP C 329 23.10 -0.93 16.04
C ASP C 329 21.66 -1.32 15.75
N LYS C 330 20.73 -0.89 16.60
CA LYS C 330 19.31 -1.21 16.41
C LYS C 330 18.75 -0.49 15.19
N ALA C 331 19.17 0.76 14.97
CA ALA C 331 18.72 1.53 13.79
C ALA C 331 19.19 0.88 12.49
N LEU C 332 20.40 0.36 12.51
CA LEU C 332 20.97 -0.37 11.40
C LEU C 332 20.15 -1.63 11.07
N GLU C 333 19.86 -2.45 12.07
CA GLU C 333 18.97 -3.61 11.89
C GLU C 333 17.69 -3.23 11.15
N LEU C 334 17.30 -1.96 11.24
CA LEU C 334 16.13 -1.49 10.49
C LEU C 334 16.51 -0.76 9.20
N ASN C 335 17.79 -0.72 8.86
CA ASN C 335 18.29 -0.07 7.64
C ASN C 335 18.15 1.45 7.69
N MET C 336 18.27 2.00 8.88
CA MET C 336 18.26 3.45 9.06
C MET C 336 19.69 3.84 9.26
N LEU C 337 20.28 4.42 8.22
CA LEU C 337 21.72 4.65 8.23
C LEU C 337 22.07 6.10 8.42
N SER C 338 23.31 6.34 8.81
CA SER C 338 23.89 7.67 8.82
C SER C 338 23.41 8.57 9.97
N LEU C 339 23.15 7.98 11.14
CA LEU C 339 22.65 8.66 12.34
C LEU C 339 23.69 8.97 13.42
N LYS C 340 24.91 8.56 13.17
CA LYS C 340 26.02 8.65 14.11
C LYS C 340 26.42 10.10 14.27
N GLY C 341 26.39 10.63 15.50
CA GLY C 341 26.80 12.02 15.73
C GLY C 341 28.26 12.22 15.32
N HIS C 342 28.62 13.42 14.92
CA HIS C 342 29.99 13.70 14.45
C HIS C 342 31.07 13.30 15.44
N ARG C 343 32.19 12.80 14.88
CA ARG C 343 33.40 12.34 15.59
C ARG C 343 33.80 13.18 16.83
N SER C 344 33.41 14.46 16.81
CA SER C 344 33.82 15.45 17.80
C SER C 344 32.70 15.88 18.74
N VAL C 345 31.47 15.64 18.35
CA VAL C 345 30.32 15.97 19.19
C VAL C 345 29.91 14.74 19.99
N GLY C 346 30.14 13.57 19.40
CA GLY C 346 29.63 12.30 19.92
C GLY C 346 28.12 12.18 19.79
N GLY C 347 27.56 11.20 20.49
CA GLY C 347 26.13 10.90 20.43
C GLY C 347 25.57 10.61 19.05
N ILE C 348 24.35 11.08 18.83
CA ILE C 348 23.58 10.79 17.63
C ILE C 348 23.16 12.10 16.97
N ARG C 349 22.97 12.06 15.65
CA ARG C 349 22.47 13.22 14.92
C ARG C 349 21.52 12.77 13.80
N ALA C 350 20.37 13.42 13.69
CA ALA C 350 19.46 13.16 12.57
C ALA C 350 19.50 14.38 11.66
N SER C 351 19.85 14.15 10.40
CA SER C 351 19.84 15.20 9.38
C SER C 351 18.59 15.10 8.54
N LEU C 352 17.96 16.26 8.32
CA LEU C 352 16.61 16.32 7.82
C LEU C 352 16.52 17.25 6.62
N TYR C 353 17.48 17.12 5.69
CA TYR C 353 17.53 17.96 4.50
C TYR C 353 16.29 17.75 3.60
N ASN C 354 16.21 18.59 2.57
CA ASN C 354 15.02 18.71 1.70
C ASN C 354 14.47 17.40 1.15
N ALA C 355 15.40 16.50 0.81
CA ALA C 355 15.07 15.23 0.16
C ALA C 355 14.84 14.09 1.16
N VAL C 356 15.21 14.32 2.42
CA VAL C 356 14.78 13.41 3.50
C VAL C 356 13.27 13.61 3.64
N THR C 357 12.52 12.58 3.27
CA THR C 357 11.06 12.66 3.23
C THR C 357 10.44 12.70 4.64
N ILE C 358 9.22 13.20 4.70
CA ILE C 358 8.44 13.19 5.91
C ILE C 358 8.15 11.77 6.42
N GLU C 359 8.00 10.82 5.50
CA GLU C 359 7.78 9.43 5.89
C GLU C 359 9.04 8.88 6.53
N ASP C 360 10.19 9.20 5.95
CA ASP C 360 11.48 8.84 6.51
C ASP C 360 11.59 9.26 7.96
N VAL C 361 11.16 10.49 8.26
CA VAL C 361 11.30 11.07 9.60
C VAL C 361 10.26 10.47 10.55
N GLN C 362 9.05 10.24 10.03
CA GLN C 362 8.03 9.47 10.76
C GLN C 362 8.62 8.16 11.25
N LYS C 363 9.32 7.46 10.37
CA LYS C 363 9.94 6.18 10.74
C LYS C 363 10.95 6.34 11.87
N LEU C 364 11.85 7.30 11.69
CA LEU C 364 12.84 7.64 12.68
C LEU C 364 12.22 7.97 14.04
N ALA C 365 11.16 8.78 14.02
CA ALA C 365 10.44 9.10 15.25
C ALA C 365 9.87 7.86 15.97
N ALA C 366 9.28 6.94 15.21
CA ALA C 366 8.63 5.79 15.84
C ALA C 366 9.67 4.85 16.39
N PHE C 367 10.81 4.75 15.70
CA PHE C 367 11.93 3.97 16.24
C PHE C 367 12.43 4.57 17.55
N MET C 368 12.50 5.91 17.62
CA MET C 368 12.95 6.58 18.83
C MET C 368 11.99 6.41 20.03
N LYS C 369 10.68 6.43 19.78
CA LYS C 369 9.71 6.12 20.81
C LYS C 369 9.92 4.69 21.29
N LYS C 370 10.04 3.77 20.33
CA LYS C 370 10.10 2.36 20.65
C LYS C 370 11.38 2.00 21.42
N PHE C 371 12.50 2.56 20.98
CA PHE C 371 13.78 2.41 21.66
C PHE C 371 13.73 2.95 23.10
N LEU C 372 13.11 4.12 23.29
CA LEU C 372 12.91 4.68 24.61
C LEU C 372 12.09 3.72 25.48
N GLU C 373 11.05 3.15 24.87
CA GLU C 373 10.14 2.31 25.61
C GLU C 373 10.77 1.01 26.02
N MET C 374 11.69 0.49 25.20
CA MET C 374 12.47 -0.68 25.59
C MET C 374 13.39 -0.42 26.78
N HIS C 375 13.62 0.85 27.10
CA HIS C 375 14.57 1.22 28.17
C HIS C 375 13.94 1.94 29.36
N GLN C 376 12.65 1.70 29.57
CA GLN C 376 11.91 2.33 30.66
C GLN C 376 12.25 1.73 32.01
N1 PLP D . -17.84 2.12 1.08
C2 PLP D . -16.91 3.08 0.77
C2A PLP D . -16.81 4.29 1.65
C3 PLP D . -16.06 2.90 -0.34
O3 PLP D . -15.13 3.86 -0.65
C4 PLP D . -16.17 1.77 -1.15
C4A PLP D . -15.04 1.43 -2.07
C5 PLP D . -17.13 0.80 -0.83
C6 PLP D . -17.95 1.00 0.28
C5A PLP D . -17.30 -0.45 -1.69
O4P PLP D . -16.24 -1.37 -1.50
P PLP D . -16.21 -2.70 -2.40
O1P PLP D . -17.50 -3.48 -2.30
O2P PLP D . -15.04 -3.54 -1.95
O3P PLP D . -16.01 -2.29 -3.85
C1 GOL E . -28.38 20.74 1.31
O1 GOL E . -28.93 21.92 1.89
C2 GOL E . -29.22 20.43 0.09
O2 GOL E . -28.40 19.74 -0.83
C3 GOL E . -30.45 19.64 0.54
O3 GOL E . -30.83 18.70 -0.45
N1 PLP F . -15.03 -27.40 -2.74
C2 PLP F . -13.96 -28.26 -2.98
C2A PLP F . -14.13 -29.43 -3.90
C3 PLP F . -12.72 -28.05 -2.36
O3 PLP F . -11.68 -28.92 -2.60
C4 PLP F . -12.54 -26.98 -1.48
C4A PLP F . -11.17 -26.60 -0.96
C5 PLP F . -13.62 -26.13 -1.26
C6 PLP F . -14.85 -26.33 -1.88
C5A PLP F . -13.39 -24.99 -0.30
O4P PLP F . -13.58 -23.78 -0.90
P PLP F . -13.28 -22.45 -0.04
O1P PLP F . -14.60 -21.95 0.51
O2P PLP F . -12.69 -21.42 -1.00
O3P PLP F . -12.27 -22.77 1.02
#